data_8HDJ
#
_entry.id   8HDJ
#
_cell.length_a   75.090
_cell.length_b   101.530
_cell.length_c   86.360
_cell.angle_alpha   90.000
_cell.angle_beta   92.930
_cell.angle_gamma   90.000
#
_symmetry.space_group_name_H-M   'C 1 2 1'
#
loop_
_entity.id
_entity.type
_entity.pdbx_description
1 polymer 'Periplasmic domain of RsgI2'
2 polymer 'Anti-sigma-I factor RsgI2'
3 water water
#
loop_
_entity_poly.entity_id
_entity_poly.type
_entity_poly.pdbx_seq_one_letter_code
_entity_poly.pdbx_strand_id
1 'polypeptide(L)' SSQEYAYIDVDIN A,C,E,G
2 'polypeptide(L)'
;PSIGLVIDKKEKVIDAKPLNNDAKPILDEAAPKDMPLYDALSKILDISKKNGYINSADNIVLFSASINSGRNNVSESDKG
IQEIISTLKDVAKDAGVKFEIIPSTEEDRQKALDQNLSMGRYAIYVKAVEEGVNLNLEDARNLSVSEILGKVNIGKFAIS
DT
;
B,D,F,H
#
# COMPACT_ATOMS: atom_id res chain seq x y z
N GLU A 4 -14.81 -10.57 25.88
CA GLU A 4 -15.98 -11.23 25.34
C GLU A 4 -15.68 -11.84 23.97
N TYR A 5 -15.73 -10.99 22.94
CA TYR A 5 -15.62 -11.46 21.57
C TYR A 5 -14.17 -11.64 21.15
N ALA A 6 -13.32 -10.65 21.43
CA ALA A 6 -11.94 -10.72 21.00
C ALA A 6 -11.06 -9.97 21.99
N TYR A 7 -9.79 -10.36 22.03
CA TYR A 7 -8.77 -9.69 22.82
C TYR A 7 -7.74 -9.11 21.86
N ILE A 8 -7.31 -7.89 22.11
CA ILE A 8 -6.33 -7.21 21.26
C ILE A 8 -5.25 -6.63 22.15
N ASP A 9 -4.00 -6.99 21.87
CA ASP A 9 -2.84 -6.44 22.54
C ASP A 9 -2.08 -5.54 21.58
N VAL A 10 -1.53 -4.45 22.12
CA VAL A 10 -0.74 -3.50 21.35
C VAL A 10 0.58 -3.28 22.07
N ASP A 11 1.68 -3.35 21.33
CA ASP A 11 3.01 -3.15 21.86
C ASP A 11 3.63 -1.93 21.18
N ILE A 12 4.11 -1.00 21.99
CA ILE A 12 4.72 0.23 21.51
C ILE A 12 6.08 0.37 22.18
N ASN A 13 7.08 0.82 21.42
CA ASN A 13 8.42 1.04 21.97
C ASN A 13 8.95 -0.26 22.56
N PRO B 1 5.58 0.35 26.13
CA PRO B 1 4.28 0.09 26.76
C PRO B 1 3.44 -0.97 26.05
N SER B 2 2.78 -1.81 26.83
CA SER B 2 1.94 -2.89 26.32
C SER B 2 0.56 -2.75 26.94
N ILE B 3 -0.48 -2.83 26.11
CA ILE B 3 -1.85 -2.62 26.54
C ILE B 3 -2.70 -3.75 26.00
N GLY B 4 -3.60 -4.27 26.82
CA GLY B 4 -4.53 -5.32 26.42
C GLY B 4 -5.95 -4.80 26.48
N LEU B 5 -6.68 -5.03 25.38
CA LEU B 5 -8.05 -4.59 25.24
C LEU B 5 -8.96 -5.80 25.06
N VAL B 6 -10.20 -5.65 25.53
CA VAL B 6 -11.25 -6.63 25.28
C VAL B 6 -12.36 -5.90 24.53
N ILE B 7 -12.87 -6.52 23.48
CA ILE B 7 -13.91 -5.91 22.66
C ILE B 7 -15.09 -6.86 22.57
N ASP B 8 -16.28 -6.29 22.34
CA ASP B 8 -17.45 -7.08 22.00
C ASP B 8 -17.55 -7.21 20.48
N LYS B 9 -18.63 -7.82 20.01
CA LYS B 9 -18.73 -8.14 18.58
C LYS B 9 -18.78 -6.90 17.71
N LYS B 10 -19.36 -5.80 18.20
CA LYS B 10 -19.34 -4.54 17.46
C LYS B 10 -18.04 -3.77 17.61
N GLU B 11 -17.01 -4.38 18.22
CA GLU B 11 -15.69 -3.77 18.35
C GLU B 11 -15.71 -2.60 19.33
N LYS B 12 -16.60 -2.64 20.31
CA LYS B 12 -16.59 -1.69 21.42
C LYS B 12 -15.66 -2.20 22.52
N VAL B 13 -14.76 -1.34 22.99
CA VAL B 13 -13.83 -1.71 24.05
C VAL B 13 -14.60 -1.82 25.35
N ILE B 14 -14.65 -3.03 25.92
CA ILE B 14 -15.35 -3.26 27.18
C ILE B 14 -14.40 -3.40 28.35
N ASP B 15 -13.11 -3.59 28.10
CA ASP B 15 -12.13 -3.69 29.18
C ASP B 15 -10.77 -3.30 28.61
N ALA B 16 -9.93 -2.71 29.46
CA ALA B 16 -8.60 -2.30 29.07
C ALA B 16 -7.68 -2.46 30.27
N LYS B 17 -6.50 -3.03 30.04
CA LYS B 17 -5.56 -3.33 31.11
C LYS B 17 -4.14 -3.00 30.68
N PRO B 18 -3.35 -2.37 31.55
CA PRO B 18 -1.93 -2.19 31.24
C PRO B 18 -1.19 -3.50 31.46
N LEU B 19 -0.48 -3.95 30.43
CA LEU B 19 0.27 -5.19 30.56
C LEU B 19 1.63 -4.96 31.21
N ASN B 20 2.04 -3.71 31.35
CA ASN B 20 3.20 -3.34 32.16
C ASN B 20 2.89 -2.02 32.83
N ASN B 21 3.80 -1.58 33.72
CA ASN B 21 3.51 -0.41 34.54
C ASN B 21 3.56 0.87 33.72
N ASP B 22 4.46 0.94 32.74
CA ASP B 22 4.57 2.16 31.96
C ASP B 22 3.42 2.34 30.98
N ALA B 23 2.51 1.37 30.89
CA ALA B 23 1.29 1.55 30.11
C ALA B 23 0.20 2.26 30.89
N LYS B 24 0.31 2.29 32.22
CA LYS B 24 -0.73 2.92 33.04
C LYS B 24 -0.96 4.38 32.67
N PRO B 25 0.05 5.24 32.62
CA PRO B 25 -0.22 6.64 32.27
C PRO B 25 -0.84 6.82 30.90
N ILE B 26 -0.47 5.99 29.93
CA ILE B 26 -1.06 6.10 28.59
C ILE B 26 -2.52 5.69 28.61
N LEU B 27 -2.86 4.65 29.40
CA LEU B 27 -4.24 4.23 29.50
C LEU B 27 -5.09 5.28 30.20
N ASP B 28 -4.55 5.93 31.23
CA ASP B 28 -5.30 6.94 31.94
C ASP B 28 -5.69 8.10 31.02
N GLU B 29 -4.74 8.59 30.22
CA GLU B 29 -5.06 9.69 29.32
C GLU B 29 -5.92 9.23 28.15
N ALA B 30 -5.73 7.98 27.71
CA ALA B 30 -6.49 7.49 26.56
C ALA B 30 -7.93 7.17 26.92
N ALA B 31 -8.15 6.63 28.12
CA ALA B 31 -9.48 6.27 28.59
C ALA B 31 -10.23 5.49 27.50
N PRO B 32 -9.72 4.33 27.08
CA PRO B 32 -10.30 3.64 25.92
C PRO B 32 -11.60 2.92 26.21
N LYS B 33 -11.96 2.73 27.48
CA LYS B 33 -13.13 1.94 27.82
C LYS B 33 -14.38 2.52 27.19
N ASP B 34 -15.21 1.64 26.63
CA ASP B 34 -16.47 1.96 25.97
C ASP B 34 -16.29 2.73 24.67
N MET B 35 -15.07 2.89 24.19
CA MET B 35 -14.83 3.53 22.92
C MET B 35 -14.79 2.50 21.79
N PRO B 36 -14.99 2.93 20.55
CA PRO B 36 -14.74 2.03 19.42
C PRO B 36 -13.27 1.63 19.37
N LEU B 37 -13.02 0.39 18.96
CA LEU B 37 -11.64 -0.11 18.92
C LEU B 37 -10.76 0.84 18.11
N TYR B 38 -11.24 1.29 16.95
CA TYR B 38 -10.45 2.23 16.15
C TYR B 38 -10.11 3.48 16.94
N ASP B 39 -11.11 4.09 17.58
CA ASP B 39 -10.86 5.32 18.33
C ASP B 39 -9.89 5.08 19.48
N ALA B 40 -10.06 3.96 20.19
CA ALA B 40 -9.21 3.68 21.34
C ALA B 40 -7.75 3.55 20.93
N LEU B 41 -7.48 2.76 19.90
CA LEU B 41 -6.10 2.55 19.47
C LEU B 41 -5.52 3.81 18.85
N SER B 42 -6.34 4.57 18.12
CA SER B 42 -5.85 5.80 17.50
C SER B 42 -5.40 6.81 18.56
N LYS B 43 -6.16 6.96 19.65
CA LYS B 43 -5.73 7.86 20.71
C LYS B 43 -4.53 7.29 21.46
N ILE B 44 -4.50 5.97 21.67
CA ILE B 44 -3.35 5.36 22.32
C ILE B 44 -2.09 5.65 21.53
N LEU B 45 -2.16 5.56 20.20
CA LEU B 45 -1.00 5.86 19.37
C LEU B 45 -0.71 7.36 19.38
N ASP B 46 -1.76 8.19 19.43
CA ASP B 46 -1.56 9.63 19.51
C ASP B 46 -0.82 10.00 20.78
N ILE B 47 -1.26 9.47 21.92
CA ILE B 47 -0.61 9.75 23.19
C ILE B 47 0.83 9.23 23.19
N SER B 48 1.01 8.01 22.71
CA SER B 48 2.31 7.43 22.62
C SER B 48 3.25 8.33 21.82
N LYS B 49 2.80 8.89 20.69
CA LYS B 49 3.63 9.82 19.96
C LYS B 49 3.96 11.06 20.81
N LYS B 50 2.98 11.63 21.49
CA LYS B 50 3.24 12.79 22.38
C LYS B 50 4.23 12.53 23.48
N ASN B 51 4.08 11.41 24.15
CA ASN B 51 4.95 11.05 25.24
C ASN B 51 6.36 10.66 24.78
N GLY B 52 6.61 10.51 23.50
CA GLY B 52 7.92 10.11 23.01
C GLY B 52 8.14 8.64 22.70
N TYR B 53 7.15 7.77 22.91
CA TYR B 53 7.35 6.35 22.68
C TYR B 53 7.39 6.01 21.19
N ILE B 54 6.66 6.75 20.37
CA ILE B 54 6.63 6.57 18.92
C ILE B 54 7.36 7.73 18.26
N ASN B 55 8.28 7.41 17.36
CA ASN B 55 9.12 8.42 16.72
C ASN B 55 9.53 7.91 15.35
N SER B 56 10.23 8.78 14.60
CA SER B 56 10.64 8.42 13.24
C SER B 56 11.55 7.20 13.23
N ALA B 57 12.36 7.02 14.28
CA ALA B 57 13.27 5.88 14.35
C ALA B 57 12.51 4.59 14.66
N ASP B 58 11.78 4.57 15.78
CA ASP B 58 10.96 3.42 16.16
C ASP B 58 9.54 3.74 15.73
N ASN B 59 9.23 3.41 14.48
CA ASN B 59 7.95 3.72 13.86
C ASN B 59 7.10 2.48 13.60
N ILE B 60 7.26 1.44 14.41
CA ILE B 60 6.55 0.17 14.20
C ILE B 60 5.75 -0.15 15.45
N VAL B 61 4.47 -0.49 15.26
CA VAL B 61 3.59 -0.94 16.33
C VAL B 61 3.26 -2.40 16.10
N LEU B 62 3.22 -3.16 17.19
CA LEU B 62 2.95 -4.60 17.15
C LEU B 62 1.56 -4.86 17.73
N PHE B 63 0.65 -5.31 16.88
CA PHE B 63 -0.67 -5.73 17.30
C PHE B 63 -0.75 -7.25 17.33
N SER B 64 -1.60 -7.77 18.22
CA SER B 64 -1.93 -9.19 18.26
C SER B 64 -3.38 -9.30 18.70
N ALA B 65 -4.05 -10.34 18.22
CA ALA B 65 -5.49 -10.46 18.45
C ALA B 65 -5.89 -11.92 18.50
N SER B 66 -6.93 -12.21 19.30
CA SER B 66 -7.49 -13.55 19.37
C SER B 66 -8.99 -13.45 19.58
N ILE B 67 -9.73 -14.30 18.87
CA ILE B 67 -11.18 -14.36 18.96
C ILE B 67 -11.59 -15.37 20.02
N ASN B 68 -12.56 -14.99 20.85
CA ASN B 68 -13.05 -15.85 21.92
C ASN B 68 -11.90 -16.37 22.79
N LYS B 79 -15.06 -14.97 9.23
CA LYS B 79 -14.20 -13.86 8.83
C LYS B 79 -14.38 -12.66 9.77
N GLY B 80 -14.50 -12.93 11.06
CA GLY B 80 -14.65 -11.89 12.04
C GLY B 80 -13.32 -11.23 12.34
N ILE B 81 -12.27 -12.05 12.46
CA ILE B 81 -10.94 -11.53 12.73
C ILE B 81 -10.48 -10.64 11.58
N GLN B 82 -10.99 -10.88 10.37
CA GLN B 82 -10.61 -10.05 9.24
C GLN B 82 -11.11 -8.62 9.43
N GLU B 83 -12.30 -8.46 10.01
CA GLU B 83 -12.77 -7.12 10.34
C GLU B 83 -11.88 -6.47 11.39
N ILE B 84 -11.49 -7.24 12.41
CA ILE B 84 -10.55 -6.75 13.41
C ILE B 84 -9.22 -6.39 12.75
N ILE B 85 -8.72 -7.27 11.90
CA ILE B 85 -7.44 -7.03 11.25
C ILE B 85 -7.48 -5.76 10.42
N SER B 86 -8.60 -5.54 9.71
CA SER B 86 -8.73 -4.32 8.92
C SER B 86 -8.68 -3.08 9.80
N THR B 87 -9.31 -3.13 10.97
CA THR B 87 -9.27 -1.99 11.88
C THR B 87 -7.84 -1.71 12.34
N LEU B 88 -7.07 -2.77 12.61
CA LEU B 88 -5.69 -2.59 13.06
C LEU B 88 -4.84 -1.98 11.95
N LYS B 89 -5.01 -2.43 10.72
CA LYS B 89 -4.29 -1.83 9.60
C LYS B 89 -4.63 -0.34 9.47
N ASP B 90 -5.93 -0.01 9.49
CA ASP B 90 -6.35 1.38 9.38
C ASP B 90 -5.71 2.24 10.47
N VAL B 91 -5.76 1.77 11.72
CA VAL B 91 -5.22 2.54 12.83
C VAL B 91 -3.76 2.91 12.56
N ALA B 92 -2.96 1.94 12.11
CA ALA B 92 -1.54 2.20 11.91
C ALA B 92 -1.29 3.06 10.68
N LYS B 93 -1.92 2.71 9.54
CA LYS B 93 -1.72 3.50 8.32
C LYS B 93 -2.14 4.95 8.53
N ASP B 94 -3.32 5.17 9.12
CA ASP B 94 -3.81 6.52 9.31
C ASP B 94 -2.91 7.32 10.24
N ALA B 95 -2.23 6.65 11.17
CA ALA B 95 -1.28 7.30 12.05
C ALA B 95 0.10 7.41 11.44
N GLY B 96 0.33 6.80 10.29
CA GLY B 96 1.62 6.89 9.64
C GLY B 96 2.70 6.02 10.24
N VAL B 97 2.34 4.91 10.87
CA VAL B 97 3.30 4.01 11.49
C VAL B 97 3.20 2.66 10.82
N LYS B 98 4.34 1.98 10.71
CA LYS B 98 4.34 0.61 10.23
C LYS B 98 3.75 -0.32 11.28
N PHE B 99 3.31 -1.49 10.83
CA PHE B 99 2.62 -2.41 11.72
C PHE B 99 3.02 -3.84 11.45
N GLU B 100 2.93 -4.65 12.50
CA GLU B 100 2.90 -6.10 12.40
C GLU B 100 1.72 -6.61 13.22
N ILE B 101 0.91 -7.47 12.61
CA ILE B 101 -0.27 -8.03 13.25
C ILE B 101 -0.08 -9.55 13.33
N ILE B 102 -0.10 -10.08 14.55
CA ILE B 102 0.14 -11.50 14.79
C ILE B 102 -1.14 -12.14 15.32
N PRO B 103 -1.88 -12.86 14.49
CA PRO B 103 -3.04 -13.60 15.02
C PRO B 103 -2.60 -14.61 16.07
N SER B 104 -3.42 -14.75 17.11
CA SER B 104 -3.11 -15.60 18.24
C SER B 104 -4.33 -16.46 18.57
N THR B 105 -4.17 -17.32 19.57
CA THR B 105 -5.25 -18.19 20.04
C THR B 105 -5.45 -18.01 21.53
N GLU B 106 -6.59 -18.49 22.02
CA GLU B 106 -6.84 -18.47 23.45
C GLU B 106 -5.82 -19.32 24.20
N GLU B 107 -5.37 -20.42 23.60
CA GLU B 107 -4.33 -21.25 24.19
C GLU B 107 -3.05 -20.44 24.37
N ASP B 108 -2.63 -19.74 23.33
CA ASP B 108 -1.40 -18.95 23.42
C ASP B 108 -1.58 -17.71 24.27
N ARG B 109 -2.75 -17.09 24.27
CA ARG B 109 -3.00 -15.92 25.12
C ARG B 109 -2.81 -16.26 26.62
N GLN B 110 -3.28 -17.44 27.01
CA GLN B 110 -3.13 -17.88 28.39
C GLN B 110 -1.66 -18.16 28.71
N LYS B 111 -0.93 -18.77 27.81
CA LYS B 111 0.50 -18.97 28.02
C LYS B 111 1.22 -17.62 28.11
N ALA B 112 0.80 -16.65 27.31
CA ALA B 112 1.38 -15.31 27.37
C ALA B 112 1.07 -14.65 28.70
N LEU B 113 -0.18 -14.71 29.13
CA LEU B 113 -0.57 -14.14 30.42
C LEU B 113 0.21 -14.79 31.57
N ASP B 114 0.41 -16.11 31.50
CA ASP B 114 1.06 -16.82 32.59
C ASP B 114 2.49 -16.33 32.81
N GLN B 115 3.16 -15.83 31.77
CA GLN B 115 4.50 -15.26 31.91
C GLN B 115 4.52 -13.74 31.72
N ASN B 116 3.35 -13.10 31.81
CA ASN B 116 3.24 -11.64 31.75
C ASN B 116 3.87 -11.09 30.46
N LEU B 117 3.45 -11.63 29.34
CA LEU B 117 3.82 -11.13 28.03
C LEU B 117 2.55 -10.88 27.23
N SER B 118 2.62 -9.91 26.31
CA SER B 118 1.55 -9.74 25.36
C SER B 118 1.55 -10.89 24.37
N MET B 119 0.39 -11.11 23.74
CA MET B 119 0.28 -12.15 22.73
C MET B 119 1.33 -11.97 21.63
N GLY B 120 1.60 -10.71 21.27
CA GLY B 120 2.54 -10.45 20.18
C GLY B 120 3.98 -10.79 20.56
N ARG B 121 4.43 -10.31 21.72
CA ARG B 121 5.79 -10.59 22.16
C ARG B 121 5.99 -12.07 22.46
N TYR B 122 4.95 -12.76 22.95
CA TYR B 122 5.06 -14.19 23.19
C TYR B 122 5.23 -14.94 21.89
N ALA B 123 4.43 -14.63 20.89
CA ALA B 123 4.53 -15.28 19.60
C ALA B 123 5.89 -15.08 19.00
N ILE B 124 6.35 -13.87 19.07
CA ILE B 124 7.69 -13.54 18.53
CA ILE B 124 7.69 -13.54 18.53
C ILE B 124 8.86 -14.29 19.33
N TYR B 125 8.73 -14.34 20.64
CA TYR B 125 9.69 -15.03 21.49
C TYR B 125 9.74 -16.52 21.15
N VAL B 126 8.58 -17.14 21.03
CA VAL B 126 8.53 -18.56 20.65
C VAL B 126 9.12 -18.75 19.25
N LYS B 127 8.78 -17.85 18.32
CA LYS B 127 9.26 -18.01 16.95
C LYS B 127 10.78 -17.91 16.89
N ALA B 128 11.37 -16.95 17.61
CA ALA B 128 12.82 -16.79 17.59
C ALA B 128 13.51 -18.04 18.10
N VAL B 129 13.00 -18.61 19.19
CA VAL B 129 13.57 -19.82 19.77
C VAL B 129 13.58 -20.96 18.75
N GLU B 130 12.47 -21.13 18.03
CA GLU B 130 12.35 -22.24 17.10
C GLU B 130 13.27 -22.10 15.90
N GLU B 131 13.66 -20.87 15.56
CA GLU B 131 14.56 -20.63 14.43
C GLU B 131 16.01 -20.46 14.86
N GLY B 132 16.33 -20.66 16.13
CA GLY B 132 17.69 -20.56 16.59
C GLY B 132 18.22 -19.17 16.87
N VAL B 133 17.34 -18.18 16.99
CA VAL B 133 17.79 -16.83 17.33
C VAL B 133 18.00 -16.75 18.83
N ASN B 134 19.10 -16.13 19.27
CA ASN B 134 19.48 -15.87 20.67
C ASN B 134 18.61 -14.77 21.26
N LEU B 135 17.39 -15.11 21.72
CA LEU B 135 16.48 -14.14 22.30
C LEU B 135 16.05 -14.67 23.65
N ASN B 136 16.61 -14.12 24.72
CA ASN B 136 16.27 -14.54 26.06
C ASN B 136 14.97 -13.89 26.50
N LEU B 137 14.49 -14.29 27.67
CA LEU B 137 13.19 -13.82 28.14
C LEU B 137 13.19 -12.31 28.35
N GLU B 138 14.26 -11.76 28.92
CA GLU B 138 14.28 -10.32 29.20
C GLU B 138 14.28 -9.51 27.92
N ASP B 139 14.96 -10.00 26.88
CA ASP B 139 14.94 -9.28 25.60
C ASP B 139 13.56 -9.35 24.97
N ALA B 140 12.91 -10.50 25.05
CA ALA B 140 11.56 -10.63 24.49
C ALA B 140 10.59 -9.67 25.15
N ARG B 141 10.72 -9.43 26.45
CA ARG B 141 9.81 -8.53 27.18
C ARG B 141 10.19 -7.04 27.03
N ASN B 142 11.44 -6.67 26.82
CA ASN B 142 11.86 -5.29 26.93
C ASN B 142 12.51 -4.68 25.69
N LEU B 143 12.94 -5.48 24.71
CA LEU B 143 13.46 -4.88 23.49
C LEU B 143 12.36 -4.15 22.75
N SER B 144 12.75 -3.10 22.03
CA SER B 144 11.77 -2.33 21.28
C SER B 144 11.18 -3.18 20.17
N VAL B 145 10.00 -2.77 19.70
CA VAL B 145 9.32 -3.50 18.64
C VAL B 145 10.20 -3.63 17.40
N SER B 146 10.74 -2.50 16.93
CA SER B 146 11.57 -2.54 15.73
C SER B 146 12.80 -3.41 15.93
N GLU B 147 13.32 -3.47 17.16
CA GLU B 147 14.51 -4.28 17.42
C GLU B 147 14.19 -5.77 17.42
N ILE B 148 13.13 -6.17 18.11
CA ILE B 148 12.83 -7.61 18.18
C ILE B 148 12.40 -8.13 16.82
N LEU B 149 11.84 -7.29 15.94
CA LEU B 149 11.33 -7.75 14.61
C LEU B 149 12.53 -7.92 13.71
N GLY B 150 13.54 -7.06 13.84
CA GLY B 150 14.75 -7.21 13.09
C GLY B 150 15.50 -8.46 13.45
N LYS B 151 15.40 -8.89 14.70
CA LYS B 151 16.09 -10.09 15.17
C LYS B 151 15.35 -11.37 14.82
N VAL B 152 14.03 -11.34 14.77
CA VAL B 152 13.26 -12.54 14.51
C VAL B 152 12.98 -12.75 13.01
N ASN B 153 12.81 -11.69 12.25
CA ASN B 153 12.42 -11.81 10.85
C ASN B 153 13.69 -11.88 10.02
N ILE B 154 14.21 -13.07 9.88
CA ILE B 154 15.45 -13.31 9.16
C ILE B 154 15.32 -14.33 8.00
N GLY B 155 14.10 -14.58 7.53
CA GLY B 155 13.90 -15.47 6.40
C GLY B 155 14.05 -16.94 6.70
N LYS B 156 13.75 -17.37 7.92
CA LYS B 156 13.89 -18.77 8.31
C LYS B 156 12.55 -19.46 8.57
N PHE B 157 11.43 -18.81 8.25
CA PHE B 157 10.11 -19.41 8.44
C PHE B 157 9.16 -18.79 7.43
N ALA B 158 8.03 -19.46 7.22
CA ALA B 158 7.18 -19.11 6.09
C ALA B 158 6.51 -17.76 6.31
N ILE B 159 6.32 -17.02 5.22
CA ILE B 159 5.59 -15.77 5.21
C ILE B 159 4.51 -15.82 4.13
N SER B 160 3.38 -15.18 4.43
CA SER B 160 2.26 -15.17 3.48
C SER B 160 1.40 -13.95 3.78
N ASP B 161 0.57 -13.58 2.81
CA ASP B 161 -0.44 -12.56 3.01
C ASP B 161 -1.82 -13.11 2.69
N GLU C 4 7.68 5.35 -31.46
CA GLU C 4 7.90 5.98 -30.14
C GLU C 4 6.55 6.06 -29.46
N TYR C 5 6.17 5.03 -28.73
CA TYR C 5 4.84 4.87 -28.17
C TYR C 5 4.61 5.86 -27.03
N ALA C 6 5.58 5.98 -26.13
CA ALA C 6 5.42 6.82 -24.96
C ALA C 6 6.77 7.42 -24.58
N TYR C 7 6.71 8.53 -23.88
CA TYR C 7 7.89 9.19 -23.34
C TYR C 7 7.80 9.17 -21.83
N ILE C 8 8.91 8.88 -21.17
CA ILE C 8 8.95 8.77 -19.72
C ILE C 8 10.11 9.63 -19.23
N ASP C 9 9.83 10.57 -18.34
CA ASP C 9 10.86 11.36 -17.69
C ASP C 9 10.92 10.96 -16.21
N VAL C 10 12.13 10.93 -15.65
CA VAL C 10 12.32 10.62 -14.24
C VAL C 10 13.20 11.70 -13.62
N ASP C 11 12.76 12.23 -12.48
CA ASP C 11 13.48 13.26 -11.76
C ASP C 11 13.87 12.71 -10.39
N ILE C 12 15.16 12.79 -10.08
CA ILE C 12 15.70 12.34 -8.81
C ILE C 12 16.52 13.47 -8.21
N ASN C 13 16.40 13.66 -6.91
CA ASN C 13 17.19 14.68 -6.21
C ASN C 13 16.91 16.06 -6.84
N PRO D 1 19.29 14.88 -10.83
CA PRO D 1 19.39 14.41 -12.20
C PRO D 1 18.04 14.12 -12.84
N SER D 2 17.90 14.49 -14.11
CA SER D 2 16.67 14.31 -14.87
C SER D 2 16.98 13.51 -16.12
N ILE D 3 16.18 12.48 -16.37
CA ILE D 3 16.41 11.56 -17.47
C ILE D 3 15.11 11.40 -18.25
N GLY D 4 15.23 11.39 -19.57
CA GLY D 4 14.09 11.15 -20.44
C GLY D 4 14.25 9.87 -21.22
N LEU D 5 13.22 9.03 -21.22
CA LEU D 5 13.23 7.76 -21.93
C LEU D 5 12.16 7.73 -22.99
N VAL D 6 12.42 6.96 -24.04
CA VAL D 6 11.43 6.66 -25.08
C VAL D 6 11.24 5.16 -25.10
N ILE D 7 9.98 4.73 -25.14
CA ILE D 7 9.66 3.30 -25.13
C ILE D 7 8.77 2.99 -26.32
N ASP D 8 8.82 1.74 -26.76
CA ASP D 8 7.88 1.23 -27.74
C ASP D 8 6.67 0.65 -27.01
N LYS D 9 5.73 0.08 -27.77
CA LYS D 9 4.48 -0.36 -27.17
C LYS D 9 4.69 -1.53 -26.20
N LYS D 10 5.71 -2.35 -26.43
CA LYS D 10 6.07 -3.39 -25.48
C LYS D 10 6.90 -2.87 -24.32
N GLU D 11 7.08 -1.56 -24.21
CA GLU D 11 7.79 -0.91 -23.11
C GLU D 11 9.28 -1.22 -23.09
N LYS D 12 9.88 -1.45 -24.25
CA LYS D 12 11.33 -1.55 -24.37
C LYS D 12 11.90 -0.15 -24.62
N VAL D 13 12.93 0.21 -23.87
CA VAL D 13 13.55 1.52 -24.01
C VAL D 13 14.28 1.57 -25.34
N ILE D 14 13.85 2.48 -26.22
CA ILE D 14 14.49 2.63 -27.52
C ILE D 14 15.36 3.88 -27.59
N ASP D 15 15.24 4.79 -26.63
CA ASP D 15 16.06 5.98 -26.59
C ASP D 15 16.14 6.49 -25.16
N ALA D 16 17.26 7.10 -24.81
CA ALA D 16 17.47 7.64 -23.48
C ALA D 16 18.32 8.89 -23.60
N LYS D 17 17.93 9.94 -22.89
CA LYS D 17 18.58 11.23 -23.01
C LYS D 17 18.78 11.87 -21.64
N PRO D 18 19.96 12.44 -21.39
CA PRO D 18 20.14 13.23 -20.16
C PRO D 18 19.49 14.61 -20.34
N LEU D 19 18.58 14.95 -19.45
CA LEU D 19 17.93 16.25 -19.52
C LEU D 19 18.72 17.32 -18.80
N ASN D 20 19.75 16.94 -18.04
CA ASN D 20 20.73 17.86 -17.48
C ASN D 20 22.08 17.17 -17.50
N ASN D 21 23.12 17.92 -17.15
CA ASN D 21 24.48 17.41 -17.33
C ASN D 21 24.81 16.31 -16.34
N ASP D 22 24.34 16.44 -15.10
CA ASP D 22 24.67 15.45 -14.07
C ASP D 22 23.93 14.13 -14.24
N ALA D 23 23.03 14.01 -15.22
CA ALA D 23 22.39 12.73 -15.51
C ALA D 23 23.22 11.85 -16.43
N LYS D 24 24.20 12.41 -17.13
CA LYS D 24 25.00 11.62 -18.05
C LYS D 24 25.69 10.45 -17.37
N PRO D 25 26.42 10.63 -16.26
CA PRO D 25 27.06 9.47 -15.63
C PRO D 25 26.08 8.40 -15.18
N ILE D 26 24.88 8.79 -14.75
CA ILE D 26 23.90 7.79 -14.34
C ILE D 26 23.42 7.00 -15.54
N LEU D 27 23.25 7.66 -16.69
CA LEU D 27 22.86 6.97 -17.91
C LEU D 27 23.99 6.08 -18.41
N ASP D 28 25.24 6.56 -18.32
CA ASP D 28 26.38 5.78 -18.76
C ASP D 28 26.45 4.46 -17.99
N GLU D 29 26.29 4.53 -16.66
CA GLU D 29 26.32 3.32 -15.86
C GLU D 29 25.05 2.50 -16.03
N ALA D 30 23.91 3.14 -16.23
CA ALA D 30 22.65 2.42 -16.37
C ALA D 30 22.51 1.79 -17.75
N ALA D 31 22.94 2.49 -18.80
CA ALA D 31 22.86 2.00 -20.16
C ALA D 31 21.46 1.44 -20.45
N PRO D 32 20.42 2.27 -20.34
CA PRO D 32 19.05 1.75 -20.39
C PRO D 32 18.56 1.36 -21.79
N LYS D 33 19.24 1.76 -22.86
CA LYS D 33 18.73 1.52 -24.19
C LYS D 33 18.50 0.03 -24.43
N ASP D 34 17.36 -0.29 -25.04
CA ASP D 34 16.91 -1.63 -25.40
C ASP D 34 16.59 -2.50 -24.18
N MET D 35 16.66 -1.96 -22.97
N MET D 35 16.65 -1.95 -22.98
CA MET D 35 16.25 -2.69 -21.79
CA MET D 35 16.25 -2.69 -21.79
C MET D 35 14.75 -2.54 -21.56
C MET D 35 14.77 -2.52 -21.52
N PRO D 36 14.14 -3.46 -20.81
CA PRO D 36 12.75 -3.25 -20.39
C PRO D 36 12.65 -2.01 -19.52
N LEU D 37 11.54 -1.29 -19.65
CA LEU D 37 11.36 -0.06 -18.87
C LEU D 37 11.59 -0.33 -17.39
N TYR D 38 11.02 -1.42 -16.87
CA TYR D 38 11.21 -1.75 -15.46
C TYR D 38 12.68 -1.89 -15.14
N ASP D 39 13.41 -2.66 -15.94
CA ASP D 39 14.83 -2.87 -15.68
C ASP D 39 15.61 -1.57 -15.73
N ALA D 40 15.31 -0.73 -16.73
CA ALA D 40 16.04 0.53 -16.89
C ALA D 40 15.84 1.44 -15.68
N LEU D 41 14.59 1.62 -15.25
CA LEU D 41 14.31 2.50 -14.11
C LEU D 41 14.81 1.92 -12.80
N SER D 42 14.75 0.60 -12.65
CA SER D 42 15.28 -0.03 -11.44
C SER D 42 16.76 0.21 -11.30
N LYS D 43 17.50 0.11 -12.41
CA LYS D 43 18.93 0.34 -12.38
C LYS D 43 19.24 1.81 -12.08
N ILE D 44 18.48 2.72 -12.66
CA ILE D 44 18.65 4.15 -12.39
C ILE D 44 18.37 4.45 -10.91
N LEU D 45 17.34 3.83 -10.35
CA LEU D 45 17.01 4.06 -8.94
C LEU D 45 18.06 3.44 -8.03
N ASP D 46 18.59 2.27 -8.40
CA ASP D 46 19.64 1.64 -7.62
C ASP D 46 20.88 2.52 -7.57
N ILE D 47 21.30 3.06 -8.71
CA ILE D 47 22.48 3.92 -8.74
C ILE D 47 22.26 5.16 -7.88
N SER D 48 21.07 5.75 -7.97
CA SER D 48 20.76 6.96 -7.21
C SER D 48 20.76 6.69 -5.72
N LYS D 49 20.27 5.52 -5.31
CA LYS D 49 20.33 5.14 -3.89
C LYS D 49 21.78 5.00 -3.42
N LYS D 50 22.60 4.24 -4.17
CA LYS D 50 23.99 4.07 -3.79
C LYS D 50 24.75 5.39 -3.77
N ASN D 51 24.54 6.23 -4.79
CA ASN D 51 25.22 7.52 -4.88
C ASN D 51 24.67 8.55 -3.89
N GLY D 52 23.57 8.25 -3.21
CA GLY D 52 23.03 9.16 -2.22
C GLY D 52 22.04 10.18 -2.72
N TYR D 53 21.66 10.15 -4.01
CA TYR D 53 20.64 11.07 -4.47
C TYR D 53 19.30 10.75 -3.82
N ILE D 54 19.04 9.48 -3.55
CA ILE D 54 17.85 9.02 -2.85
C ILE D 54 18.28 8.55 -1.47
N ASN D 55 17.62 9.07 -0.44
CA ASN D 55 18.02 8.82 0.94
C ASN D 55 16.79 8.97 1.82
N SER D 56 16.99 8.78 3.13
CA SER D 56 15.86 8.85 4.07
C SER D 56 15.18 10.21 4.04
N ALA D 57 15.95 11.28 3.83
CA ALA D 57 15.36 12.62 3.81
C ALA D 57 14.58 12.86 2.52
N ASP D 58 15.26 12.75 1.37
CA ASP D 58 14.63 12.89 0.06
C ASP D 58 14.45 11.49 -0.51
N ASN D 59 13.32 10.86 -0.19
CA ASN D 59 13.00 9.51 -0.62
C ASN D 59 11.88 9.51 -1.66
N ILE D 60 11.79 10.56 -2.47
CA ILE D 60 10.70 10.73 -3.42
C ILE D 60 11.28 10.83 -4.82
N VAL D 61 10.73 10.06 -5.74
CA VAL D 61 11.08 10.10 -7.16
C VAL D 61 9.88 10.65 -7.92
N LEU D 62 10.14 11.49 -8.91
CA LEU D 62 9.10 12.13 -9.70
C LEU D 62 9.14 11.54 -11.11
N PHE D 63 8.08 10.80 -11.47
CA PHE D 63 7.92 10.29 -12.82
C PHE D 63 6.89 11.15 -13.58
N SER D 64 7.06 11.21 -14.89
CA SER D 64 6.08 11.82 -15.77
C SER D 64 6.09 11.03 -17.07
N ALA D 65 4.92 10.97 -17.73
CA ALA D 65 4.77 10.12 -18.89
C ALA D 65 3.75 10.72 -19.84
N SER D 66 3.96 10.49 -21.14
CA SER D 66 3.04 10.93 -22.17
C SER D 66 3.01 9.91 -23.30
N ILE D 67 1.82 9.63 -23.80
CA ILE D 67 1.61 8.70 -24.90
C ILE D 67 1.64 9.45 -26.23
N ASN D 68 2.32 8.87 -27.22
CA ASN D 68 2.42 9.44 -28.55
C ASN D 68 2.61 10.95 -28.56
N LYS D 79 -5.72 3.59 -21.11
CA LYS D 79 -5.56 2.27 -21.73
C LYS D 79 -4.13 1.76 -21.52
N GLY D 80 -3.22 2.25 -22.36
CA GLY D 80 -1.83 1.87 -22.31
C GLY D 80 -1.09 2.59 -21.20
N ILE D 81 -1.43 3.86 -21.00
CA ILE D 81 -0.77 4.66 -19.97
C ILE D 81 -0.96 4.04 -18.60
N GLN D 82 -2.06 3.32 -18.39
CA GLN D 82 -2.24 2.65 -17.10
C GLN D 82 -1.22 1.53 -16.92
N GLU D 83 -0.88 0.81 -17.99
CA GLU D 83 0.18 -0.18 -17.90
C GLU D 83 1.52 0.49 -17.61
N ILE D 84 1.79 1.62 -18.25
CA ILE D 84 2.99 2.39 -17.95
C ILE D 84 2.98 2.83 -16.49
N ILE D 85 1.85 3.36 -16.03
CA ILE D 85 1.76 3.85 -14.66
C ILE D 85 1.99 2.70 -13.67
N SER D 86 1.46 1.51 -13.97
CA SER D 86 1.70 0.37 -13.10
C SER D 86 3.18 0.03 -13.03
N THR D 87 3.88 0.12 -14.16
CA THR D 87 5.32 -0.14 -14.16
C THR D 87 6.06 0.87 -13.30
N LEU D 88 5.65 2.15 -13.37
CA LEU D 88 6.32 3.17 -12.57
C LEU D 88 6.06 2.98 -11.09
N LYS D 89 4.82 2.63 -10.72
CA LYS D 89 4.52 2.35 -9.31
C LYS D 89 5.38 1.21 -8.79
N ASP D 90 5.40 0.08 -9.52
CA ASP D 90 6.18 -1.08 -9.11
C ASP D 90 7.65 -0.74 -8.95
N VAL D 91 8.22 -0.04 -9.93
CA VAL D 91 9.63 0.32 -9.89
C VAL D 91 9.95 1.01 -8.57
N ALA D 92 9.13 1.98 -8.18
CA ALA D 92 9.38 2.74 -6.97
C ALA D 92 9.08 1.89 -5.73
N LYS D 93 7.92 1.22 -5.72
CA LYS D 93 7.55 0.38 -4.59
C LYS D 93 8.61 -0.68 -4.33
N ASP D 94 9.08 -1.35 -5.38
CA ASP D 94 10.07 -2.39 -5.22
C ASP D 94 11.40 -1.83 -4.71
N ALA D 95 11.70 -0.57 -5.02
CA ALA D 95 12.92 0.08 -4.57
C ALA D 95 12.78 0.74 -3.20
N GLY D 96 11.59 0.76 -2.62
CA GLY D 96 11.40 1.35 -1.31
C GLY D 96 11.39 2.86 -1.30
N VAL D 97 11.01 3.50 -2.39
CA VAL D 97 10.97 4.96 -2.48
C VAL D 97 9.54 5.38 -2.75
N LYS D 98 9.16 6.53 -2.20
CA LYS D 98 7.88 7.15 -2.51
C LYS D 98 7.93 7.73 -3.91
N PHE D 99 6.75 7.95 -4.50
CA PHE D 99 6.69 8.38 -5.89
C PHE D 99 5.58 9.40 -6.11
N GLU D 100 5.80 10.23 -7.13
CA GLU D 100 4.75 11.05 -7.73
C GLU D 100 4.80 10.80 -9.23
N ILE D 101 3.66 10.47 -9.83
CA ILE D 101 3.55 10.19 -11.26
C ILE D 101 2.61 11.21 -11.86
N ILE D 102 3.11 12.00 -12.80
CA ILE D 102 2.34 13.09 -13.40
C ILE D 102 2.11 12.76 -14.87
N PRO D 103 0.93 12.28 -15.24
CA PRO D 103 0.64 12.08 -16.67
C PRO D 103 0.72 13.40 -17.41
N SER D 104 1.26 13.34 -18.63
CA SER D 104 1.49 14.52 -19.44
C SER D 104 0.95 14.29 -20.84
N THR D 105 1.05 15.33 -21.67
CA THR D 105 0.61 15.29 -23.05
C THR D 105 1.76 15.71 -23.96
N GLU D 106 1.60 15.41 -25.25
CA GLU D 106 2.57 15.87 -26.25
C GLU D 106 2.63 17.39 -26.28
N GLU D 107 1.48 18.06 -26.09
CA GLU D 107 1.46 19.51 -26.05
C GLU D 107 2.33 20.04 -24.92
N ASP D 108 2.19 19.48 -23.73
CA ASP D 108 2.98 19.93 -22.60
C ASP D 108 4.43 19.46 -22.70
N ARG D 109 4.67 18.27 -23.28
CA ARG D 109 6.03 17.77 -23.41
C ARG D 109 6.88 18.70 -24.26
N GLN D 110 6.29 19.24 -25.35
CA GLN D 110 7.03 20.18 -26.18
C GLN D 110 7.26 21.51 -25.45
N LYS D 111 6.26 21.99 -24.71
CA LYS D 111 6.43 23.19 -23.91
C LYS D 111 7.53 23.00 -22.87
N ALA D 112 7.60 21.81 -22.27
CA ALA D 112 8.65 21.52 -21.30
C ALA D 112 10.02 21.47 -21.98
N LEU D 113 10.11 20.76 -23.10
CA LEU D 113 11.38 20.68 -23.83
C LEU D 113 11.86 22.05 -24.26
N ASP D 114 10.93 22.91 -24.70
CA ASP D 114 11.33 24.21 -25.23
C ASP D 114 12.04 25.06 -24.18
N GLN D 115 11.74 24.85 -22.90
CA GLN D 115 12.41 25.56 -21.82
C GLN D 115 13.33 24.65 -21.01
N ASN D 116 13.68 23.49 -21.55
CA ASN D 116 14.63 22.58 -20.91
C ASN D 116 14.18 22.19 -19.50
N LEU D 117 12.95 21.70 -19.41
CA LEU D 117 12.42 21.13 -18.18
C LEU D 117 11.87 19.74 -18.48
N SER D 118 11.90 18.87 -17.47
CA SER D 118 11.21 17.60 -17.58
C SER D 118 9.70 17.83 -17.56
N MET D 119 8.96 16.85 -18.09
CA MET D 119 7.51 16.95 -18.08
C MET D 119 6.99 17.13 -16.65
N GLY D 120 7.62 16.45 -15.69
CA GLY D 120 7.15 16.52 -14.32
C GLY D 120 7.42 17.87 -13.68
N ARG D 121 8.65 18.38 -13.82
CA ARG D 121 8.98 19.68 -13.24
C ARG D 121 8.20 20.80 -13.91
N TYR D 122 7.91 20.68 -15.20
CA TYR D 122 7.10 21.68 -15.88
C TYR D 122 5.68 21.71 -15.33
N ALA D 123 5.05 20.53 -15.17
CA ALA D 123 3.70 20.48 -14.65
C ALA D 123 3.62 21.00 -13.22
N ILE D 124 4.66 20.80 -12.43
CA ILE D 124 4.68 21.30 -11.06
C ILE D 124 4.91 22.81 -11.04
N TYR D 125 5.73 23.30 -11.97
CA TYR D 125 5.97 24.73 -12.10
C TYR D 125 4.71 25.47 -12.52
N VAL D 126 4.02 24.95 -13.54
CA VAL D 126 2.76 25.56 -13.96
C VAL D 126 1.73 25.51 -12.84
N LYS D 127 1.63 24.36 -12.17
CA LYS D 127 0.65 24.23 -11.09
C LYS D 127 0.97 25.20 -9.95
N ALA D 128 2.25 25.34 -9.59
CA ALA D 128 2.62 26.26 -8.52
C ALA D 128 2.21 27.68 -8.87
N VAL D 129 2.46 28.10 -10.10
CA VAL D 129 2.09 29.45 -10.54
C VAL D 129 0.58 29.67 -10.43
N GLU D 130 -0.21 28.69 -10.86
CA GLU D 130 -1.65 28.89 -10.87
C GLU D 130 -2.24 28.98 -9.47
N GLU D 131 -1.57 28.40 -8.47
CA GLU D 131 -2.06 28.42 -7.10
C GLU D 131 -1.44 29.55 -6.28
N GLY D 132 -0.67 30.43 -6.91
CA GLY D 132 -0.08 31.55 -6.22
C GLY D 132 1.16 31.25 -5.42
N VAL D 133 1.79 30.10 -5.63
CA VAL D 133 3.03 29.78 -4.95
C VAL D 133 4.17 30.47 -5.69
N ASN D 134 5.12 31.02 -4.93
CA ASN D 134 6.22 31.76 -5.54
C ASN D 134 7.31 30.74 -5.84
N LEU D 135 7.28 30.23 -7.07
CA LEU D 135 8.26 29.26 -7.56
C LEU D 135 8.73 29.76 -8.92
N ASN D 136 9.94 30.30 -8.97
CA ASN D 136 10.50 30.83 -10.20
C ASN D 136 11.09 29.70 -11.06
N LEU D 137 11.51 30.08 -12.27
CA LEU D 137 12.01 29.09 -13.21
C LEU D 137 13.27 28.41 -12.70
N GLU D 138 14.18 29.18 -12.09
CA GLU D 138 15.42 28.59 -11.62
C GLU D 138 15.17 27.60 -10.49
N ASP D 139 14.19 27.87 -9.65
CA ASP D 139 13.86 26.98 -8.53
C ASP D 139 13.16 25.75 -9.11
N ALA D 140 12.24 25.95 -10.04
CA ALA D 140 11.53 24.81 -10.62
C ALA D 140 12.48 23.83 -11.29
N ARG D 141 13.60 24.32 -11.83
CA ARG D 141 14.54 23.44 -12.53
C ARG D 141 15.51 22.76 -11.58
N ASN D 142 15.88 23.42 -10.48
CA ASN D 142 17.02 23.02 -9.68
C ASN D 142 16.70 22.65 -8.24
N LEU D 143 15.53 23.00 -7.72
CA LEU D 143 15.16 22.56 -6.39
C LEU D 143 14.96 21.05 -6.39
N SER D 144 15.19 20.44 -5.22
CA SER D 144 15.02 19.01 -5.09
C SER D 144 13.56 18.61 -5.27
N VAL D 145 13.35 17.34 -5.61
CA VAL D 145 11.99 16.83 -5.79
C VAL D 145 11.18 17.04 -4.52
N SER D 146 11.73 16.63 -3.38
CA SER D 146 11.04 16.80 -2.11
C SER D 146 10.77 18.27 -1.81
N GLU D 147 11.66 19.16 -2.25
CA GLU D 147 11.45 20.58 -1.99
C GLU D 147 10.31 21.13 -2.84
N ILE D 148 10.30 20.83 -4.14
CA ILE D 148 9.27 21.38 -5.01
C ILE D 148 7.90 20.76 -4.72
N LEU D 149 7.86 19.49 -4.30
CA LEU D 149 6.58 18.89 -3.96
C LEU D 149 6.03 19.46 -2.66
N GLY D 150 6.90 19.82 -1.72
CA GLY D 150 6.44 20.45 -0.50
C GLY D 150 5.92 21.86 -0.70
N LYS D 151 6.40 22.55 -1.73
CA LYS D 151 5.94 23.90 -2.02
C LYS D 151 4.65 23.92 -2.81
N VAL D 152 4.36 22.87 -3.59
CA VAL D 152 3.26 22.92 -4.53
C VAL D 152 2.08 22.11 -4.00
N ASN D 153 2.34 21.08 -3.22
CA ASN D 153 1.26 20.30 -2.62
C ASN D 153 0.91 20.97 -1.30
N ILE D 154 -0.08 21.86 -1.35
CA ILE D 154 -0.49 22.63 -0.17
C ILE D 154 -2.00 22.65 -0.05
N GLY D 155 -2.68 21.73 -0.72
CA GLY D 155 -4.11 21.60 -0.56
C GLY D 155 -4.94 22.66 -1.25
N LYS D 156 -4.49 23.22 -2.36
CA LYS D 156 -5.20 24.28 -3.08
C LYS D 156 -5.76 23.80 -4.42
N PHE D 157 -5.63 22.52 -4.75
CA PHE D 157 -6.15 22.01 -6.02
C PHE D 157 -6.54 20.55 -5.83
N ALA D 158 -7.36 20.06 -6.76
CA ALA D 158 -8.00 18.77 -6.55
C ALA D 158 -6.99 17.64 -6.57
N ILE D 159 -7.25 16.62 -5.75
CA ILE D 159 -6.44 15.40 -5.72
C ILE D 159 -7.36 14.20 -5.90
N SER D 160 -6.83 13.17 -6.54
CA SER D 160 -7.59 11.96 -6.81
C SER D 160 -6.63 10.79 -6.99
N ASP D 161 -7.16 9.59 -6.84
CA ASP D 161 -6.41 8.37 -7.15
C ASP D 161 -7.15 7.55 -8.20
N THR D 162 -7.86 8.23 -9.08
CA THR D 162 -8.61 7.59 -10.15
C THR D 162 -7.78 7.52 -11.42
N GLN E 3 -16.83 25.80 17.69
CA GLN E 3 -16.87 26.80 16.63
C GLN E 3 -16.98 26.13 15.27
N GLU E 4 -17.26 26.93 14.23
CA GLU E 4 -17.44 26.41 12.87
C GLU E 4 -16.14 26.62 12.12
N TYR E 5 -15.27 25.61 12.16
CA TYR E 5 -13.93 25.74 11.61
C TYR E 5 -13.92 25.46 10.10
N ALA E 6 -14.56 24.38 9.68
CA ALA E 6 -14.50 23.98 8.28
C ALA E 6 -15.78 23.29 7.88
N TYR E 7 -16.05 23.31 6.58
CA TYR E 7 -17.19 22.64 5.98
C TYR E 7 -16.70 21.54 5.07
N ILE E 8 -17.36 20.38 5.14
CA ILE E 8 -17.01 19.22 4.32
C ILE E 8 -18.29 18.66 3.70
N ASP E 9 -18.30 18.53 2.39
CA ASP E 9 -19.38 17.90 1.65
C ASP E 9 -18.91 16.56 1.12
N VAL E 10 -19.80 15.57 1.11
CA VAL E 10 -19.50 14.25 0.56
C VAL E 10 -20.61 13.88 -0.41
N ASP E 11 -20.23 13.47 -1.62
CA ASP E 11 -21.17 13.06 -2.65
C ASP E 11 -20.89 11.61 -3.00
N ILE E 12 -21.92 10.78 -2.91
CA ILE E 12 -21.83 9.36 -3.24
C ILE E 12 -22.93 9.04 -4.22
N ASN E 13 -22.62 8.24 -5.24
CA ASN E 13 -23.63 7.83 -6.20
C ASN E 13 -24.28 9.06 -6.82
N PRO F 1 -26.40 9.94 -2.80
CA PRO F 1 -26.59 10.72 -1.57
C PRO F 1 -25.53 11.79 -1.39
N SER F 2 -25.96 12.98 -0.95
CA SER F 2 -25.08 14.12 -0.76
C SER F 2 -25.29 14.65 0.65
N ILE F 3 -24.18 14.85 1.37
CA ILE F 3 -24.22 15.25 2.78
C ILE F 3 -23.23 16.38 3.01
N GLY F 4 -23.64 17.37 3.81
CA GLY F 4 -22.78 18.47 4.21
C GLY F 4 -22.52 18.43 5.70
N LEU F 5 -21.24 18.52 6.06
CA LEU F 5 -20.81 18.47 7.45
C LEU F 5 -20.09 19.75 7.84
N VAL F 6 -20.19 20.10 9.12
CA VAL F 6 -19.43 21.19 9.72
C VAL F 6 -18.62 20.61 10.85
N ILE F 7 -17.34 20.99 10.93
CA ILE F 7 -16.44 20.49 11.96
C ILE F 7 -15.81 21.66 12.69
N ASP F 8 -15.39 21.39 13.93
CA ASP F 8 -14.57 22.33 14.69
C ASP F 8 -13.10 22.05 14.37
N LYS F 9 -12.20 22.81 15.03
CA LYS F 9 -10.79 22.70 14.66
C LYS F 9 -10.21 21.33 15.00
N LYS F 10 -10.76 20.66 16.02
CA LYS F 10 -10.35 19.28 16.32
C LYS F 10 -11.01 18.26 15.39
N GLU F 11 -11.70 18.74 14.36
CA GLU F 11 -12.32 17.88 13.35
C GLU F 11 -13.45 17.04 13.93
N LYS F 12 -14.10 17.54 14.98
CA LYS F 12 -15.33 16.95 15.51
C LYS F 12 -16.52 17.52 14.75
N VAL F 13 -17.40 16.62 14.30
CA VAL F 13 -18.60 17.04 13.56
C VAL F 13 -19.56 17.72 14.52
N ILE F 14 -19.86 19.00 14.26
CA ILE F 14 -20.78 19.77 15.09
C ILE F 14 -22.13 20.00 14.43
N ASP F 15 -22.26 19.75 13.14
CA ASP F 15 -23.52 19.90 12.42
C ASP F 15 -23.49 18.98 11.21
N ALA F 16 -24.65 18.47 10.83
CA ALA F 16 -24.76 17.58 9.67
C ALA F 16 -26.11 17.79 9.00
N LYS F 17 -26.11 17.88 7.68
CA LYS F 17 -27.31 18.17 6.92
C LYS F 17 -27.35 17.35 5.64
N PRO F 18 -28.50 16.77 5.29
CA PRO F 18 -28.63 16.13 3.97
C PRO F 18 -28.84 17.16 2.87
N LEU F 19 -28.01 17.09 1.84
CA LEU F 19 -28.13 17.98 0.68
C LEU F 19 -29.10 17.45 -0.37
N ASN F 20 -29.55 16.20 -0.25
CA ASN F 20 -30.63 15.69 -1.08
C ASN F 20 -31.47 14.75 -0.21
N ASN F 21 -32.55 14.23 -0.80
CA ASN F 21 -33.52 13.49 -0.01
C ASN F 21 -33.04 12.10 0.38
N ASP F 22 -32.33 11.40 -0.53
CA ASP F 22 -31.92 10.04 -0.21
C ASP F 22 -30.74 9.99 0.76
N ALA F 23 -30.18 11.13 1.14
CA ALA F 23 -29.16 11.17 2.19
C ALA F 23 -29.77 11.18 3.57
N LYS F 24 -31.05 11.52 3.69
CA LYS F 24 -31.70 11.60 5.00
C LYS F 24 -31.63 10.28 5.76
N PRO F 25 -32.06 9.14 5.21
CA PRO F 25 -31.97 7.89 5.98
C PRO F 25 -30.54 7.53 6.32
N ILE F 26 -29.59 7.82 5.44
CA ILE F 26 -28.20 7.50 5.71
C ILE F 26 -27.66 8.35 6.85
N LEU F 27 -28.04 9.63 6.89
CA LEU F 27 -27.57 10.51 7.97
C LEU F 27 -28.22 10.12 9.30
N ASP F 28 -29.51 9.76 9.28
CA ASP F 28 -30.17 9.34 10.50
C ASP F 28 -29.49 8.10 11.09
N GLU F 29 -29.13 7.14 10.24
CA GLU F 29 -28.47 5.94 10.72
C GLU F 29 -27.04 6.20 11.18
N ALA F 30 -26.35 7.14 10.53
CA ALA F 30 -24.97 7.42 10.91
C ALA F 30 -24.90 8.25 12.18
N ALA F 31 -25.83 9.18 12.36
CA ALA F 31 -25.86 10.06 13.53
C ALA F 31 -24.47 10.67 13.76
N PRO F 32 -23.97 11.46 12.80
CA PRO F 32 -22.57 11.91 12.86
C PRO F 32 -22.29 13.02 13.85
N LYS F 33 -23.30 13.70 14.38
CA LYS F 33 -23.05 14.84 15.26
C LYS F 33 -22.23 14.41 16.46
N ASP F 34 -21.22 15.22 16.78
CA ASP F 34 -20.25 14.99 17.86
C ASP F 34 -19.34 13.80 17.62
N MET F 35 -19.33 13.24 16.41
CA MET F 35 -18.40 12.17 16.07
C MET F 35 -17.15 12.76 15.42
N PRO F 36 -15.97 12.16 15.63
CA PRO F 36 -14.81 12.56 14.83
C PRO F 36 -15.12 12.44 13.34
N LEU F 37 -14.56 13.35 12.56
CA LEU F 37 -14.82 13.36 11.12
C LEU F 37 -14.55 12.00 10.50
N TYR F 38 -13.44 11.35 10.86
CA TYR F 38 -13.13 10.04 10.31
C TYR F 38 -14.23 9.04 10.61
N ASP F 39 -14.68 8.98 11.87
CA ASP F 39 -15.73 8.03 12.23
C ASP F 39 -17.02 8.34 11.49
N ALA F 40 -17.38 9.61 11.41
CA ALA F 40 -18.62 10.00 10.74
C ALA F 40 -18.61 9.62 9.27
N LEU F 41 -17.53 9.95 8.57
CA LEU F 41 -17.44 9.64 7.15
C LEU F 41 -17.29 8.13 6.93
N SER F 42 -16.59 7.44 7.83
CA SER F 42 -16.44 5.99 7.71
C SER F 42 -17.80 5.30 7.84
N LYS F 43 -18.63 5.75 8.77
CA LYS F 43 -19.95 5.16 8.93
C LYS F 43 -20.85 5.49 7.74
N ILE F 44 -20.77 6.73 7.23
CA ILE F 44 -21.57 7.10 6.08
C ILE F 44 -21.25 6.20 4.89
N LEU F 45 -19.98 5.93 4.64
CA LEU F 45 -19.63 5.04 3.54
C LEU F 45 -20.03 3.60 3.84
N ASP F 46 -19.94 3.18 5.11
CA ASP F 46 -20.37 1.83 5.45
C ASP F 46 -21.85 1.65 5.12
N ILE F 47 -22.68 2.61 5.53
CA ILE F 47 -24.11 2.54 5.23
C ILE F 47 -24.34 2.59 3.73
N SER F 48 -23.55 3.42 3.02
CA SER F 48 -23.70 3.50 1.57
C SER F 48 -23.37 2.17 0.89
N LYS F 49 -22.37 1.46 1.41
CA LYS F 49 -22.08 0.13 0.90
C LYS F 49 -23.27 -0.80 1.09
N LYS F 50 -23.83 -0.82 2.31
CA LYS F 50 -24.93 -1.73 2.61
C LYS F 50 -26.11 -1.45 1.69
N ASN F 51 -26.42 -0.18 1.42
CA ASN F 51 -27.50 0.17 0.52
C ASN F 51 -27.15 0.00 -0.95
N GLY F 52 -25.88 -0.25 -1.27
CA GLY F 52 -25.49 -0.45 -2.66
C GLY F 52 -25.11 0.81 -3.41
N TYR F 53 -25.03 1.95 -2.73
CA TYR F 53 -24.67 3.19 -3.40
C TYR F 53 -23.22 3.16 -3.87
N ILE F 54 -22.35 2.45 -3.16
CA ILE F 54 -20.97 2.28 -3.54
C ILE F 54 -20.83 0.86 -4.08
N ASN F 55 -20.32 0.74 -5.30
CA ASN F 55 -20.32 -0.54 -6.00
C ASN F 55 -19.19 -0.57 -7.01
N SER F 56 -19.08 -1.72 -7.68
CA SER F 56 -18.02 -1.92 -8.67
C SER F 56 -18.10 -0.90 -9.80
N ALA F 57 -19.31 -0.48 -10.16
CA ALA F 57 -19.47 0.49 -11.24
C ALA F 57 -19.10 1.90 -10.77
N ASP F 58 -19.79 2.43 -9.77
CA ASP F 58 -19.47 3.75 -9.20
C ASP F 58 -18.69 3.52 -7.90
N ASN F 59 -17.38 3.43 -8.03
CA ASN F 59 -16.45 3.12 -6.95
C ASN F 59 -15.69 4.37 -6.51
N ILE F 60 -16.29 5.55 -6.70
CA ILE F 60 -15.64 6.83 -6.44
C ILE F 60 -16.51 7.63 -5.47
N VAL F 61 -15.87 8.21 -4.47
CA VAL F 61 -16.53 9.13 -3.55
C VAL F 61 -15.96 10.52 -3.81
N LEU F 62 -16.83 11.53 -3.79
CA LEU F 62 -16.44 12.90 -4.08
C LEU F 62 -16.48 13.69 -2.79
N PHE F 63 -15.30 14.09 -2.32
CA PHE F 63 -15.16 14.96 -1.15
C PHE F 63 -14.81 16.38 -1.58
N SER F 64 -15.26 17.35 -0.79
CA SER F 64 -14.89 18.74 -0.95
C SER F 64 -14.83 19.37 0.43
N ALA F 65 -13.95 20.36 0.59
CA ALA F 65 -13.72 20.96 1.90
C ALA F 65 -13.29 22.41 1.73
N SER F 66 -13.68 23.23 2.70
CA SER F 66 -13.26 24.63 2.74
C SER F 66 -13.12 25.07 4.19
N ILE F 67 -12.12 25.90 4.45
CA ILE F 67 -11.89 26.45 5.77
C ILE F 67 -12.71 27.74 5.90
N ASN F 68 -13.38 27.90 7.04
CA ASN F 68 -14.27 29.04 7.24
C ASN F 68 -13.60 30.39 7.03
N SER F 69 -12.27 30.44 6.94
CA SER F 69 -11.57 31.70 6.70
C SER F 69 -10.97 31.73 5.29
N ASP F 78 -2.95 26.73 6.43
CA ASP F 78 -2.18 25.81 5.59
C ASP F 78 -2.19 24.41 6.19
N LYS F 79 -1.88 24.31 7.49
CA LYS F 79 -1.79 23.02 8.15
C LYS F 79 -3.15 22.40 8.44
N GLY F 80 -4.22 23.19 8.45
CA GLY F 80 -5.53 22.65 8.76
C GLY F 80 -6.17 21.94 7.58
N ILE F 81 -6.09 22.54 6.39
CA ILE F 81 -6.67 21.90 5.21
C ILE F 81 -5.92 20.61 4.92
N GLN F 82 -4.62 20.56 5.21
CA GLN F 82 -3.85 19.35 5.01
C GLN F 82 -4.28 18.25 5.98
N GLU F 83 -4.59 18.61 7.22
CA GLU F 83 -5.09 17.65 8.18
C GLU F 83 -6.45 17.11 7.74
N ILE F 84 -7.32 17.99 7.27
CA ILE F 84 -8.62 17.56 6.75
C ILE F 84 -8.41 16.64 5.56
N ILE F 85 -7.55 17.03 4.63
CA ILE F 85 -7.32 16.23 3.42
C ILE F 85 -6.79 14.85 3.78
N SER F 86 -5.88 14.78 4.76
CA SER F 86 -5.32 13.50 5.16
C SER F 86 -6.41 12.58 5.70
N THR F 87 -7.35 13.13 6.48
CA THR F 87 -8.45 12.33 6.98
C THR F 87 -9.32 11.82 5.85
N LEU F 88 -9.56 12.66 4.84
CA LEU F 88 -10.42 12.24 3.74
C LEU F 88 -9.79 11.12 2.92
N LYS F 89 -8.48 11.19 2.68
CA LYS F 89 -7.80 10.10 2.00
C LYS F 89 -7.91 8.81 2.81
N ASP F 90 -7.67 8.89 4.12
CA ASP F 90 -7.74 7.72 4.97
C ASP F 90 -9.12 7.06 4.88
N VAL F 91 -10.17 7.86 5.00
CA VAL F 91 -11.53 7.33 4.96
C VAL F 91 -11.76 6.52 3.69
N ALA F 92 -11.35 7.08 2.55
CA ALA F 92 -11.62 6.42 1.28
C ALA F 92 -10.75 5.19 1.10
N LYS F 93 -9.45 5.32 1.36
CA LYS F 93 -8.55 4.18 1.24
C LYS F 93 -8.97 3.05 2.18
N ASP F 94 -9.29 3.39 3.44
CA ASP F 94 -9.68 2.36 4.40
C ASP F 94 -11.00 1.70 4.03
N ALA F 95 -11.87 2.40 3.30
CA ALA F 95 -13.11 1.79 2.81
C ALA F 95 -12.92 1.07 1.49
N GLY F 96 -11.74 1.17 0.88
CA GLY F 96 -11.48 0.49 -0.37
C GLY F 96 -12.10 1.18 -1.57
N VAL F 97 -12.32 2.49 -1.50
CA VAL F 97 -12.96 3.24 -2.56
C VAL F 97 -12.01 4.30 -3.08
N LYS F 98 -12.13 4.59 -4.37
CA LYS F 98 -11.40 5.69 -4.97
C LYS F 98 -11.99 7.00 -4.47
N PHE F 99 -11.21 8.07 -4.61
CA PHE F 99 -11.62 9.35 -4.05
C PHE F 99 -11.25 10.48 -5.00
N GLU F 100 -12.04 11.55 -4.93
CA GLU F 100 -11.67 12.84 -5.48
C GLU F 100 -11.92 13.87 -4.39
N ILE F 101 -10.90 14.67 -4.09
CA ILE F 101 -10.98 15.68 -3.02
C ILE F 101 -10.75 17.04 -3.65
N ILE F 102 -11.74 17.91 -3.55
CA ILE F 102 -11.72 19.22 -4.18
C ILE F 102 -11.70 20.29 -3.09
N PRO F 103 -10.55 20.88 -2.81
CA PRO F 103 -10.53 22.03 -1.90
C PRO F 103 -11.35 23.18 -2.48
N SER F 104 -12.03 23.90 -1.60
CA SER F 104 -12.92 24.97 -1.99
C SER F 104 -12.62 26.20 -1.14
N THR F 105 -13.32 27.28 -1.41
CA THR F 105 -13.17 28.52 -0.67
C THR F 105 -14.53 28.93 -0.11
N GLU F 106 -14.50 29.84 0.86
CA GLU F 106 -15.76 30.33 1.43
C GLU F 106 -16.59 31.07 0.39
N GLU F 107 -15.95 31.84 -0.49
CA GLU F 107 -16.70 32.50 -1.55
C GLU F 107 -17.33 31.46 -2.48
N ASP F 108 -16.56 30.42 -2.86
CA ASP F 108 -17.09 29.41 -3.75
C ASP F 108 -18.16 28.57 -3.06
N ARG F 109 -18.04 28.35 -1.75
CA ARG F 109 -19.04 27.55 -1.06
C ARG F 109 -20.41 28.25 -1.10
N GLN F 110 -20.43 29.57 -0.96
CA GLN F 110 -21.69 30.29 -0.99
C GLN F 110 -22.31 30.26 -2.37
N LYS F 111 -21.50 30.43 -3.42
CA LYS F 111 -22.01 30.30 -4.78
C LYS F 111 -22.62 28.93 -5.01
N ALA F 112 -22.02 27.89 -4.42
CA ALA F 112 -22.59 26.55 -4.54
C ALA F 112 -23.95 26.48 -3.83
N LEU F 113 -24.02 26.98 -2.60
CA LEU F 113 -25.29 26.97 -1.87
C LEU F 113 -26.34 27.76 -2.63
N ASP F 114 -25.96 28.90 -3.20
CA ASP F 114 -26.94 29.72 -3.92
C ASP F 114 -27.52 28.97 -5.11
N GLN F 115 -26.79 28.00 -5.65
CA GLN F 115 -27.27 27.17 -6.74
C GLN F 115 -27.65 25.78 -6.29
N ASN F 116 -27.74 25.57 -4.98
CA ASN F 116 -28.16 24.28 -4.42
C ASN F 116 -27.28 23.16 -4.96
N LEU F 117 -25.97 23.36 -4.87
CA LEU F 117 -24.99 22.37 -5.24
C LEU F 117 -24.00 22.18 -4.10
N SER F 118 -23.44 20.99 -3.99
CA SER F 118 -22.33 20.78 -3.08
C SER F 118 -21.10 21.49 -3.61
N MET F 119 -20.14 21.73 -2.71
CA MET F 119 -18.89 22.37 -3.12
C MET F 119 -18.23 21.57 -4.25
N GLY F 120 -18.28 20.25 -4.16
CA GLY F 120 -17.63 19.43 -5.17
C GLY F 120 -18.33 19.49 -6.51
N ARG F 121 -19.65 19.34 -6.50
CA ARG F 121 -20.40 19.39 -7.75
C ARG F 121 -20.33 20.76 -8.40
N TYR F 122 -20.29 21.83 -7.58
CA TYR F 122 -20.16 23.16 -8.15
C TYR F 122 -18.79 23.35 -8.80
N ALA F 123 -17.72 22.85 -8.18
CA ALA F 123 -16.39 22.97 -8.77
C ALA F 123 -16.33 22.25 -10.11
N ILE F 124 -16.95 21.08 -10.20
CA ILE F 124 -16.99 20.35 -11.47
C ILE F 124 -17.81 21.11 -12.50
N TYR F 125 -18.91 21.73 -12.05
CA TYR F 125 -19.72 22.57 -12.93
C TYR F 125 -18.89 23.70 -13.54
N VAL F 126 -18.14 24.42 -12.69
CA VAL F 126 -17.30 25.50 -13.17
C VAL F 126 -16.21 24.97 -14.09
N LYS F 127 -15.61 23.83 -13.74
CA LYS F 127 -14.55 23.26 -14.56
C LYS F 127 -15.05 22.94 -15.97
N ALA F 128 -16.27 22.40 -16.07
CA ALA F 128 -16.82 22.05 -17.36
C ALA F 128 -16.87 23.24 -18.30
N VAL F 129 -17.28 24.41 -17.80
CA VAL F 129 -17.35 25.60 -18.63
C VAL F 129 -15.99 25.90 -19.24
N GLU F 130 -14.94 25.80 -18.43
CA GLU F 130 -13.60 26.11 -18.90
C GLU F 130 -13.10 25.10 -19.92
N GLU F 131 -13.61 23.88 -19.89
CA GLU F 131 -13.19 22.84 -20.82
C GLU F 131 -14.12 22.70 -22.02
N GLY F 132 -15.17 23.50 -22.11
CA GLY F 132 -16.09 23.39 -23.23
C GLY F 132 -17.04 22.21 -23.14
N VAL F 133 -17.14 21.57 -21.97
CA VAL F 133 -18.02 20.43 -21.79
C VAL F 133 -19.44 20.88 -21.47
N ASN F 134 -20.42 20.16 -22.00
CA ASN F 134 -21.83 20.47 -21.82
C ASN F 134 -22.35 19.82 -20.56
N LEU F 135 -22.34 20.58 -19.46
CA LEU F 135 -22.89 20.13 -18.18
C LEU F 135 -23.73 21.28 -17.61
N ASN F 136 -25.05 21.18 -17.73
CA ASN F 136 -25.89 22.25 -17.22
C ASN F 136 -26.10 22.07 -15.71
N LEU F 137 -26.77 23.05 -15.11
CA LEU F 137 -26.92 23.07 -13.65
C LEU F 137 -27.69 21.87 -13.13
N GLU F 138 -28.76 21.47 -13.83
CA GLU F 138 -29.55 20.34 -13.36
C GLU F 138 -28.76 19.04 -13.44
N ASP F 139 -27.92 18.91 -14.44
CA ASP F 139 -27.10 17.69 -14.60
C ASP F 139 -26.01 17.69 -13.53
N ALA F 140 -25.39 18.82 -13.25
CA ALA F 140 -24.37 18.88 -12.20
C ALA F 140 -24.94 18.46 -10.85
N ARG F 141 -26.21 18.73 -10.61
CA ARG F 141 -26.80 18.42 -9.32
C ARG F 141 -27.29 16.99 -9.23
N ASN F 142 -27.75 16.41 -10.34
CA ASN F 142 -28.50 15.16 -10.29
C ASN F 142 -27.83 13.98 -10.99
N LEU F 143 -26.83 14.21 -11.82
CA LEU F 143 -26.07 13.09 -12.38
C LEU F 143 -25.21 12.44 -11.29
N SER F 144 -24.91 11.16 -11.49
CA SER F 144 -24.09 10.44 -10.53
C SER F 144 -22.67 10.99 -10.52
N VAL F 145 -21.96 10.70 -9.42
CA VAL F 145 -20.58 11.16 -9.28
C VAL F 145 -19.71 10.63 -10.42
N SER F 146 -19.76 9.31 -10.65
CA SER F 146 -18.95 8.73 -11.71
C SER F 146 -19.29 9.32 -13.07
N GLU F 147 -20.56 9.70 -13.28
CA GLU F 147 -20.95 10.26 -14.57
C GLU F 147 -20.40 11.67 -14.76
N ILE F 148 -20.52 12.53 -13.74
CA ILE F 148 -20.03 13.89 -13.89
C ILE F 148 -18.51 13.91 -13.96
N LEU F 149 -17.85 12.98 -13.26
CA LEU F 149 -16.39 12.91 -13.33
C LEU F 149 -15.94 12.36 -14.67
N GLY F 150 -16.74 11.50 -15.30
CA GLY F 150 -16.40 11.02 -16.63
C GLY F 150 -16.51 12.09 -17.68
N LYS F 151 -17.37 13.09 -17.48
CA LYS F 151 -17.50 14.18 -18.43
C LYS F 151 -16.48 15.28 -18.19
N VAL F 152 -16.11 15.52 -16.94
CA VAL F 152 -15.21 16.59 -16.55
C VAL F 152 -13.93 15.95 -16.03
N ASN F 153 -12.80 16.28 -16.64
CA ASN F 153 -11.51 15.75 -16.19
C ASN F 153 -10.94 16.68 -15.12
N ILE F 154 -11.12 16.30 -13.86
CA ILE F 154 -10.67 17.09 -12.72
C ILE F 154 -9.95 16.18 -11.73
N GLY F 155 -8.89 16.71 -11.11
CA GLY F 155 -8.16 15.99 -10.10
C GLY F 155 -7.23 14.92 -10.64
N LYS F 156 -6.75 15.08 -11.86
CA LYS F 156 -5.90 14.08 -12.52
C LYS F 156 -4.45 14.53 -12.62
N PHE F 157 -4.09 15.61 -11.93
CA PHE F 157 -2.73 16.11 -12.00
C PHE F 157 -1.70 15.01 -11.74
N ALA F 158 -1.95 14.15 -10.75
CA ALA F 158 -0.90 13.28 -10.28
C ALA F 158 -1.45 12.22 -9.35
N ILE F 159 -0.78 11.07 -9.33
CA ILE F 159 -1.04 10.01 -8.36
C ILE F 159 0.27 9.75 -7.62
N SER F 160 0.16 9.43 -6.34
CA SER F 160 1.36 9.23 -5.54
C SER F 160 1.05 8.33 -4.36
N ASP F 161 2.10 7.71 -3.83
CA ASP F 161 2.02 6.91 -2.62
C ASP F 161 3.03 7.42 -1.61
N GLN G 3 28.65 -20.35 -8.76
CA GLN G 3 27.71 -19.69 -9.67
C GLN G 3 26.27 -20.08 -9.35
N GLU G 4 26.09 -21.25 -8.72
CA GLU G 4 24.77 -21.72 -8.31
C GLU G 4 24.55 -21.25 -6.88
N TYR G 5 23.97 -20.05 -6.74
CA TYR G 5 23.85 -19.43 -5.43
C TYR G 5 22.62 -19.90 -4.65
N ALA G 6 21.47 -19.95 -5.31
CA ALA G 6 20.23 -20.29 -4.64
C ALA G 6 19.30 -21.00 -5.60
N TYR G 7 18.37 -21.75 -5.03
CA TYR G 7 17.33 -22.43 -5.79
C TYR G 7 15.98 -21.85 -5.42
N ILE G 8 15.14 -21.62 -6.43
CA ILE G 8 13.80 -21.07 -6.23
C ILE G 8 12.81 -21.93 -7.01
N ASP G 9 11.80 -22.43 -6.31
CA ASP G 9 10.69 -23.15 -6.93
C ASP G 9 9.45 -22.30 -6.86
N VAL G 10 8.61 -22.39 -7.90
CA VAL G 10 7.34 -21.67 -7.94
C VAL G 10 6.24 -22.66 -8.31
N ASP G 11 5.18 -22.66 -7.53
CA ASP G 11 4.03 -23.53 -7.74
C ASP G 11 2.81 -22.66 -7.99
N ILE G 12 2.14 -22.90 -9.11
CA ILE G 12 0.94 -22.16 -9.50
C ILE G 12 -0.14 -23.17 -9.84
N ASN G 13 -1.37 -22.90 -9.41
CA ASN G 13 -2.49 -23.76 -9.79
C ASN G 13 -2.21 -25.20 -9.33
N PRO H 1 1.05 -25.57 -12.61
CA PRO H 1 2.42 -25.66 -13.13
C PRO H 1 3.47 -25.42 -12.05
N SER H 2 4.55 -26.22 -12.09
CA SER H 2 5.62 -26.15 -11.11
C SER H 2 6.94 -25.97 -11.85
N ILE H 3 7.72 -24.98 -11.44
CA ILE H 3 8.97 -24.62 -12.10
C ILE H 3 10.06 -24.46 -11.05
N GLY H 4 11.25 -24.96 -11.37
CA GLY H 4 12.42 -24.80 -10.52
C GLY H 4 13.48 -23.95 -11.22
N LEU H 5 13.97 -22.95 -10.51
CA LEU H 5 14.96 -22.02 -11.02
C LEU H 5 16.25 -22.08 -10.19
N VAL H 6 17.37 -21.80 -10.85
CA VAL H 6 18.66 -21.62 -10.20
C VAL H 6 19.15 -20.22 -10.53
N ILE H 7 19.65 -19.51 -9.52
CA ILE H 7 20.14 -18.15 -9.70
C ILE H 7 21.57 -18.04 -9.18
N ASP H 8 22.31 -17.08 -9.72
CA ASP H 8 23.60 -16.71 -9.16
C ASP H 8 23.39 -15.64 -8.10
N LYS H 9 24.48 -15.14 -7.52
CA LYS H 9 24.34 -14.21 -6.40
C LYS H 9 23.71 -12.89 -6.84
N LYS H 10 23.85 -12.53 -8.10
CA LYS H 10 23.20 -11.35 -8.67
C LYS H 10 21.74 -11.62 -9.00
N GLU H 11 21.23 -12.79 -8.63
CA GLU H 11 19.83 -13.17 -8.83
C GLU H 11 19.47 -13.26 -10.31
N LYS H 12 20.47 -13.57 -11.14
CA LYS H 12 20.24 -13.88 -12.54
C LYS H 12 19.92 -15.36 -12.68
N VAL H 13 18.85 -15.67 -13.40
CA VAL H 13 18.45 -17.06 -13.60
C VAL H 13 19.46 -17.74 -14.53
N ILE H 14 20.14 -18.75 -14.01
CA ILE H 14 21.14 -19.48 -14.78
C ILE H 14 20.66 -20.86 -15.21
N ASP H 15 19.56 -21.37 -14.65
CA ASP H 15 19.00 -22.65 -15.05
C ASP H 15 17.51 -22.64 -14.74
N ALA H 16 16.74 -23.36 -15.55
CA ALA H 16 15.30 -23.44 -15.36
C ALA H 16 14.81 -24.80 -15.84
N LYS H 17 13.95 -25.43 -15.04
CA LYS H 17 13.44 -26.77 -15.32
C LYS H 17 11.97 -26.86 -14.98
N PRO H 18 11.16 -27.47 -15.85
CA PRO H 18 9.75 -27.74 -15.48
C PRO H 18 9.67 -28.93 -14.54
N LEU H 19 9.04 -28.75 -13.39
CA LEU H 19 8.85 -29.82 -12.43
C LEU H 19 7.60 -30.66 -12.69
N ASN H 20 6.73 -30.23 -13.61
CA ASN H 20 5.62 -31.06 -14.09
C ASN H 20 5.41 -30.75 -15.57
N ASN H 21 4.48 -31.48 -16.20
CA ASN H 21 4.37 -31.42 -17.65
C ASN H 21 3.74 -30.12 -18.13
N ASP H 22 2.71 -29.62 -17.43
CA ASP H 22 2.05 -28.42 -17.94
C ASP H 22 2.86 -27.15 -17.70
N ALA H 23 4.00 -27.23 -17.03
CA ALA H 23 4.88 -26.07 -16.93
C ALA H 23 5.78 -25.93 -18.14
N LYS H 24 5.93 -26.99 -18.95
CA LYS H 24 6.80 -26.93 -20.11
C LYS H 24 6.42 -25.81 -21.06
N PRO H 25 5.17 -25.70 -21.52
CA PRO H 25 4.84 -24.59 -22.42
C PRO H 25 5.05 -23.22 -21.79
N ILE H 26 4.83 -23.09 -20.48
CA ILE H 26 5.02 -21.79 -19.83
C ILE H 26 6.49 -21.41 -19.80
N LEU H 27 7.37 -22.38 -19.57
CA LEU H 27 8.80 -22.09 -19.58
C LEU H 27 9.31 -21.76 -20.97
N ASP H 28 8.78 -22.43 -22.00
CA ASP H 28 9.21 -22.14 -23.36
C ASP H 28 8.91 -20.69 -23.73
N GLU H 29 7.71 -20.20 -23.41
CA GLU H 29 7.37 -18.83 -23.75
C GLU H 29 8.08 -17.83 -22.84
N ALA H 30 8.34 -18.20 -21.58
CA ALA H 30 8.98 -17.26 -20.66
C ALA H 30 10.45 -17.10 -20.97
N ALA H 31 11.13 -18.18 -21.37
CA ALA H 31 12.54 -18.15 -21.69
C ALA H 31 13.33 -17.44 -20.59
N PRO H 32 13.29 -17.95 -19.36
CA PRO H 32 13.86 -17.20 -18.23
C PRO H 32 15.37 -17.22 -18.14
N LYS H 33 16.06 -18.08 -18.87
CA LYS H 33 17.51 -18.18 -18.72
C LYS H 33 18.16 -16.83 -18.98
N ASP H 34 19.11 -16.47 -18.12
CA ASP H 34 19.87 -15.22 -18.17
C ASP H 34 19.01 -14.00 -17.90
N MET H 35 17.81 -14.19 -17.40
CA MET H 35 16.96 -13.08 -17.02
C MET H 35 17.10 -12.80 -15.53
N PRO H 36 16.94 -11.55 -15.10
CA PRO H 36 16.82 -11.28 -13.66
C PRO H 36 15.65 -12.06 -13.08
N LEU H 37 15.81 -12.50 -11.83
CA LEU H 37 14.77 -13.29 -11.18
C LEU H 37 13.41 -12.59 -11.24
N TYR H 38 13.38 -11.28 -10.98
CA TYR H 38 12.11 -10.55 -11.02
C TYR H 38 11.47 -10.66 -12.39
N ASP H 39 12.24 -10.41 -13.46
CA ASP H 39 11.68 -10.47 -14.80
C ASP H 39 11.17 -11.87 -15.13
N ALA H 40 11.94 -12.89 -14.78
CA ALA H 40 11.56 -14.26 -15.10
C ALA H 40 10.25 -14.66 -14.40
N LEU H 41 10.16 -14.40 -13.09
CA LEU H 41 8.98 -14.79 -12.35
C LEU H 41 7.77 -13.97 -12.75
N SER H 42 7.97 -12.68 -13.05
CA SER H 42 6.85 -11.84 -13.49
C SER H 42 6.30 -12.34 -14.82
N LYS H 43 7.18 -12.74 -15.74
CA LYS H 43 6.72 -13.27 -17.02
C LYS H 43 6.03 -14.61 -16.84
N ILE H 44 6.55 -15.46 -15.95
CA ILE H 44 5.91 -16.73 -15.67
C ILE H 44 4.51 -16.50 -15.12
N LEU H 45 4.36 -15.52 -14.22
CA LEU H 45 3.04 -15.22 -13.65
C LEU H 45 2.11 -14.62 -14.70
N ASP H 46 2.65 -13.77 -15.58
CA ASP H 46 1.83 -13.20 -16.64
C ASP H 46 1.29 -14.29 -17.56
N ILE H 47 2.17 -15.21 -17.99
CA ILE H 47 1.73 -16.31 -18.85
C ILE H 47 0.68 -17.16 -18.15
N SER H 48 0.87 -17.40 -16.84
CA SER H 48 -0.09 -18.19 -16.09
C SER H 48 -1.45 -17.50 -16.03
N LYS H 49 -1.45 -16.17 -15.95
CA LYS H 49 -2.71 -15.43 -15.96
C LYS H 49 -3.45 -15.64 -17.30
N LYS H 50 -2.75 -15.45 -18.43
CA LYS H 50 -3.38 -15.63 -19.73
C LYS H 50 -3.95 -17.02 -19.90
N ASN H 51 -3.20 -18.04 -19.42
CA ASN H 51 -3.68 -19.39 -19.51
C ASN H 51 -4.78 -19.68 -18.50
N GLY H 52 -5.04 -18.77 -17.57
CA GLY H 52 -6.09 -18.96 -16.60
C GLY H 52 -5.67 -19.69 -15.34
N TYR H 53 -4.38 -19.96 -15.18
CA TYR H 53 -3.90 -20.65 -13.98
C TYR H 53 -4.06 -19.80 -12.74
N ILE H 54 -3.94 -18.48 -12.87
CA ILE H 54 -4.13 -17.55 -11.76
C ILE H 54 -5.48 -16.87 -11.97
N ASN H 55 -6.34 -16.95 -10.97
CA ASN H 55 -7.72 -16.51 -11.11
C ASN H 55 -8.27 -16.13 -9.74
N SER H 56 -9.53 -15.69 -9.73
CA SER H 56 -10.18 -15.28 -8.49
C SER H 56 -10.25 -16.41 -7.48
N ALA H 57 -10.40 -17.65 -7.93
CA ALA H 57 -10.49 -18.78 -7.01
C ALA H 57 -9.12 -19.12 -6.44
N ASP H 58 -8.16 -19.42 -7.32
CA ASP H 58 -6.78 -19.71 -6.93
C ASP H 58 -5.94 -18.46 -7.23
N ASN H 59 -5.86 -17.57 -6.25
CA ASN H 59 -5.12 -16.31 -6.38
C ASN H 59 -3.84 -16.33 -5.53
N ILE H 60 -3.28 -17.52 -5.31
CA ILE H 60 -2.12 -17.71 -4.44
C ILE H 60 -1.00 -18.34 -5.26
N VAL H 61 0.20 -17.79 -5.13
CA VAL H 61 1.40 -18.37 -5.72
C VAL H 61 2.26 -18.89 -4.57
N LEU H 62 2.85 -20.07 -4.76
CA LEU H 62 3.66 -20.71 -3.74
C LEU H 62 5.12 -20.68 -4.18
N PHE H 63 5.91 -19.89 -3.47
CA PHE H 63 7.35 -19.81 -3.69
C PHE H 63 8.08 -20.57 -2.59
N SER H 64 9.25 -21.10 -2.94
CA SER H 64 10.15 -21.69 -1.96
C SER H 64 11.57 -21.41 -2.43
N ALA H 65 12.48 -21.23 -1.47
CA ALA H 65 13.83 -20.83 -1.80
C ALA H 65 14.80 -21.37 -0.77
N SER H 66 16.01 -21.68 -1.23
CA SER H 66 17.08 -22.12 -0.36
C SER H 66 18.41 -21.63 -0.91
N ILE H 67 19.29 -21.23 -0.02
CA ILE H 67 20.63 -20.80 -0.40
C ILE H 67 21.52 -22.03 -0.42
N ASN H 68 22.31 -22.17 -1.48
CA ASN H 68 23.17 -23.35 -1.63
C ASN H 68 24.29 -23.30 -0.61
N SER H 69 24.03 -23.83 0.59
CA SER H 69 25.01 -23.82 1.66
C SER H 69 24.62 -24.81 2.75
N ASP H 78 22.27 -13.72 6.26
CA ASP H 78 20.87 -13.30 6.23
C ASP H 78 20.57 -12.40 5.04
N LYS H 79 21.60 -11.72 4.54
CA LYS H 79 21.37 -10.70 3.53
C LYS H 79 20.96 -11.29 2.19
N GLY H 80 21.30 -12.55 1.93
CA GLY H 80 20.95 -13.15 0.66
C GLY H 80 19.54 -13.69 0.56
N ILE H 81 19.11 -14.45 1.57
CA ILE H 81 17.75 -14.99 1.54
C ILE H 81 16.73 -13.87 1.70
N GLN H 82 17.07 -12.82 2.45
CA GLN H 82 16.17 -11.68 2.59
C GLN H 82 16.04 -10.92 1.29
N GLU H 83 17.13 -10.81 0.52
CA GLU H 83 17.06 -10.19 -0.79
C GLU H 83 16.21 -11.02 -1.74
N ILE H 84 16.37 -12.34 -1.74
CA ILE H 84 15.54 -13.21 -2.56
C ILE H 84 14.08 -13.07 -2.15
N ILE H 85 13.82 -13.11 -0.86
CA ILE H 85 12.45 -13.04 -0.35
C ILE H 85 11.80 -11.71 -0.76
N SER H 86 12.58 -10.62 -0.73
CA SER H 86 12.04 -9.33 -1.13
C SER H 86 11.61 -9.34 -2.59
N THR H 87 12.40 -9.97 -3.46
CA THR H 87 12.03 -10.06 -4.86
C THR H 87 10.76 -10.88 -5.05
N LEU H 88 10.62 -11.98 -4.29
CA LEU H 88 9.43 -12.82 -4.44
C LEU H 88 8.18 -12.08 -4.01
N LYS H 89 8.26 -11.31 -2.91
CA LYS H 89 7.14 -10.48 -2.50
C LYS H 89 6.80 -9.46 -3.59
N ASP H 90 7.81 -8.77 -4.12
CA ASP H 90 7.57 -7.80 -5.18
C ASP H 90 6.88 -8.44 -6.37
N VAL H 91 7.39 -9.60 -6.82
CA VAL H 91 6.82 -10.28 -7.97
C VAL H 91 5.33 -10.51 -7.78
N ALA H 92 4.96 -11.01 -6.60
CA ALA H 92 3.56 -11.34 -6.34
C ALA H 92 2.72 -10.08 -6.15
N LYS H 93 3.21 -9.14 -5.33
CA LYS H 93 2.47 -7.91 -5.09
C LYS H 93 2.21 -7.16 -6.40
N ASP H 94 3.23 -7.03 -7.24
CA ASP H 94 3.09 -6.30 -8.49
C ASP H 94 2.13 -7.00 -9.45
N ALA H 95 2.01 -8.33 -9.35
CA ALA H 95 1.07 -9.05 -10.19
C ALA H 95 -0.33 -9.08 -9.59
N GLY H 96 -0.50 -8.58 -8.37
CA GLY H 96 -1.81 -8.57 -7.74
C GLY H 96 -2.25 -9.91 -7.24
N VAL H 97 -1.30 -10.78 -6.88
CA VAL H 97 -1.61 -12.13 -6.42
C VAL H 97 -1.07 -12.27 -5.00
N LYS H 98 -1.78 -13.06 -4.20
CA LYS H 98 -1.28 -13.41 -2.88
C LYS H 98 -0.13 -14.41 -3.01
N PHE H 99 0.66 -14.52 -1.95
CA PHE H 99 1.88 -15.31 -2.00
C PHE H 99 2.07 -16.09 -0.71
N GLU H 100 2.74 -17.22 -0.84
CA GLU H 100 3.33 -17.93 0.28
C GLU H 100 4.78 -18.20 -0.06
N ILE H 101 5.69 -17.81 0.83
CA ILE H 101 7.12 -17.97 0.61
C ILE H 101 7.66 -18.85 1.72
N ILE H 102 8.20 -20.01 1.34
CA ILE H 102 8.68 -20.99 2.31
C ILE H 102 10.20 -21.10 2.16
N PRO H 103 10.99 -20.48 3.04
CA PRO H 103 12.43 -20.74 3.01
C PRO H 103 12.71 -22.20 3.29
N SER H 104 13.72 -22.73 2.60
CA SER H 104 14.06 -24.14 2.68
C SER H 104 15.57 -24.24 2.92
N THR H 105 16.04 -25.48 3.06
CA THR H 105 17.45 -25.75 3.27
C THR H 105 17.92 -26.68 2.17
N GLU H 106 19.23 -26.76 2.00
CA GLU H 106 19.77 -27.67 1.01
C GLU H 106 19.44 -29.12 1.35
N GLU H 107 19.43 -29.46 2.65
CA GLU H 107 19.01 -30.80 3.05
C GLU H 107 17.55 -31.05 2.71
N ASP H 108 16.68 -30.06 2.97
CA ASP H 108 15.26 -30.22 2.66
C ASP H 108 15.03 -30.26 1.15
N ARG H 109 15.84 -29.52 0.39
CA ARG H 109 15.70 -29.53 -1.06
C ARG H 109 15.95 -30.91 -1.64
N GLN H 110 16.96 -31.62 -1.15
CA GLN H 110 17.24 -32.96 -1.67
C GLN H 110 16.17 -33.96 -1.25
N LYS H 111 15.72 -33.90 0.00
CA LYS H 111 14.64 -34.79 0.42
C LYS H 111 13.41 -34.57 -0.45
N ALA H 112 13.14 -33.33 -0.83
CA ALA H 112 12.05 -33.04 -1.75
C ALA H 112 12.33 -33.62 -3.13
N LEU H 113 13.54 -33.41 -3.65
CA LEU H 113 13.89 -33.95 -4.96
C LEU H 113 13.75 -35.46 -4.97
N ASP H 114 14.18 -36.12 -3.89
CA ASP H 114 14.09 -37.58 -3.82
C ASP H 114 12.64 -38.06 -3.86
N GLN H 115 11.70 -37.21 -3.46
CA GLN H 115 10.27 -37.54 -3.50
C GLN H 115 9.55 -36.86 -4.64
N ASN H 116 10.28 -36.27 -5.58
CA ASN H 116 9.70 -35.60 -6.73
C ASN H 116 8.66 -34.57 -6.31
N LEU H 117 9.07 -33.70 -5.38
CA LEU H 117 8.25 -32.59 -4.93
C LEU H 117 9.05 -31.31 -5.00
N SER H 118 8.35 -30.19 -5.21
CA SER H 118 8.99 -28.90 -5.05
C SER H 118 9.29 -28.66 -3.58
N MET H 119 10.22 -27.75 -3.31
CA MET H 119 10.55 -27.42 -1.93
C MET H 119 9.32 -26.98 -1.17
N GLY H 120 8.44 -26.22 -1.82
CA GLY H 120 7.25 -25.74 -1.13
C GLY H 120 6.27 -26.85 -0.82
N ARG H 121 6.00 -27.71 -1.80
CA ARG H 121 5.06 -28.81 -1.58
C ARG H 121 5.59 -29.80 -0.57
N TYR H 122 6.91 -30.02 -0.54
CA TYR H 122 7.48 -30.93 0.46
C TYR H 122 7.35 -30.34 1.86
N ALA H 123 7.61 -29.04 2.02
CA ALA H 123 7.47 -28.42 3.33
C ALA H 123 6.05 -28.51 3.84
N ILE H 124 5.07 -28.30 2.96
CA ILE H 124 3.67 -28.46 3.35
C ILE H 124 3.38 -29.91 3.69
N TYR H 125 3.93 -30.85 2.92
CA TYR H 125 3.80 -32.26 3.23
C TYR H 125 4.30 -32.57 4.63
N VAL H 126 5.51 -32.09 4.96
CA VAL H 126 6.06 -32.29 6.29
C VAL H 126 5.20 -31.60 7.34
N LYS H 127 4.74 -30.39 7.04
CA LYS H 127 3.89 -29.65 7.97
C LYS H 127 2.63 -30.44 8.29
N ALA H 128 2.01 -31.04 7.29
CA ALA H 128 0.77 -31.78 7.49
C ALA H 128 0.95 -32.88 8.52
N VAL H 129 2.05 -33.63 8.43
CA VAL H 129 2.29 -34.72 9.37
C VAL H 129 2.30 -34.19 10.80
N GLU H 130 2.98 -33.05 11.02
CA GLU H 130 3.11 -32.50 12.36
C GLU H 130 1.79 -31.98 12.90
N GLU H 131 0.85 -31.60 12.03
CA GLU H 131 -0.43 -31.09 12.46
C GLU H 131 -1.53 -32.15 12.50
N GLY H 132 -1.21 -33.39 12.17
CA GLY H 132 -2.20 -34.44 12.15
C GLY H 132 -3.12 -34.43 10.96
N VAL H 133 -2.78 -33.68 9.90
CA VAL H 133 -3.56 -33.62 8.68
C VAL H 133 -3.17 -34.78 7.76
N ASN H 134 -4.17 -35.37 7.12
CA ASN H 134 -3.96 -36.51 6.21
C ASN H 134 -3.73 -36.00 4.80
N LEU H 135 -2.46 -35.85 4.42
CA LEU H 135 -2.07 -35.45 3.07
C LEU H 135 -0.98 -36.41 2.62
N ASN H 136 -1.31 -37.36 1.75
CA ASN H 136 -0.31 -38.32 1.31
C ASN H 136 0.55 -37.71 0.20
N LEU H 137 1.58 -38.47 -0.19
CA LEU H 137 2.59 -37.94 -1.12
C LEU H 137 1.97 -37.59 -2.47
N GLU H 138 1.04 -38.41 -2.96
CA GLU H 138 0.45 -38.15 -4.27
C GLU H 138 -0.37 -36.86 -4.25
N ASP H 139 -1.07 -36.60 -3.14
CA ASP H 139 -1.84 -35.37 -3.03
C ASP H 139 -0.93 -34.15 -2.88
N ALA H 140 0.14 -34.27 -2.10
CA ALA H 140 1.06 -33.15 -1.95
C ALA H 140 1.63 -32.72 -3.28
N ARG H 141 1.81 -33.65 -4.21
CA ARG H 141 2.40 -33.34 -5.50
C ARG H 141 1.40 -32.84 -6.52
N ASN H 142 0.14 -33.30 -6.46
CA ASN H 142 -0.80 -33.10 -7.55
C ASN H 142 -2.02 -32.26 -7.20
N LEU H 143 -2.32 -32.05 -5.92
CA LEU H 143 -3.39 -31.13 -5.56
C LEU H 143 -2.96 -29.69 -5.86
N SER H 144 -3.95 -28.85 -6.13
CA SER H 144 -3.67 -27.45 -6.40
C SER H 144 -3.09 -26.76 -5.17
N VAL H 145 -2.42 -25.63 -5.40
CA VAL H 145 -1.81 -24.88 -4.31
C VAL H 145 -2.88 -24.49 -3.29
N SER H 146 -3.97 -23.89 -3.76
CA SER H 146 -5.02 -23.44 -2.85
C SER H 146 -5.60 -24.60 -2.04
N GLU H 147 -5.65 -25.80 -2.62
CA GLU H 147 -6.22 -26.93 -1.89
C GLU H 147 -5.29 -27.38 -0.77
N ILE H 148 -4.00 -27.55 -1.06
CA ILE H 148 -3.09 -28.03 -0.04
C ILE H 148 -2.90 -26.98 1.05
N LEU H 149 -2.93 -25.70 0.68
CA LEU H 149 -2.80 -24.66 1.69
C LEU H 149 -4.06 -24.57 2.55
N GLY H 150 -5.22 -24.88 1.98
CA GLY H 150 -6.43 -24.93 2.76
C GLY H 150 -6.46 -26.08 3.74
N LYS H 151 -5.74 -27.16 3.44
CA LYS H 151 -5.67 -28.28 4.37
C LYS H 151 -4.59 -28.06 5.42
N VAL H 152 -3.51 -27.38 5.05
CA VAL H 152 -2.35 -27.19 5.91
C VAL H 152 -2.24 -25.71 6.27
N ASN H 153 -2.14 -25.41 7.56
CA ASN H 153 -1.96 -24.03 8.00
C ASN H 153 -0.45 -23.73 8.07
N ILE H 154 0.07 -23.08 7.02
CA ILE H 154 1.48 -22.75 6.94
C ILE H 154 1.60 -21.30 6.48
N GLY H 155 2.56 -20.57 7.05
CA GLY H 155 2.81 -19.21 6.66
C GLY H 155 1.82 -18.18 7.14
N LYS H 156 1.19 -18.42 8.29
CA LYS H 156 0.17 -17.53 8.83
C LYS H 156 0.63 -16.80 10.08
N PHE H 157 1.92 -16.85 10.39
CA PHE H 157 2.42 -16.24 11.62
C PHE H 157 1.96 -14.79 11.81
N ALA H 158 1.94 -14.00 10.73
CA ALA H 158 1.81 -12.57 10.93
C ALA H 158 1.47 -11.84 9.63
N ILE H 159 0.88 -10.66 9.79
CA ILE H 159 0.61 -9.73 8.70
C ILE H 159 1.38 -8.45 9.02
N SER H 160 1.97 -7.83 7.99
CA SER H 160 2.76 -6.63 8.24
C SER H 160 2.92 -5.82 6.95
N ASP H 161 3.30 -4.55 7.13
CA ASP H 161 3.66 -3.67 6.02
C ASP H 161 5.08 -3.13 6.19
N THR H 162 5.87 -3.73 7.07
CA THR H 162 7.24 -3.30 7.32
C THR H 162 7.81 -4.09 8.49
#